data_1F99
#
_entry.id   1F99
#
_cell.length_a   135.100
_cell.length_b   135.100
_cell.length_c   210.00
_cell.angle_alpha   90.00
_cell.angle_beta   90.00
_cell.angle_gamma   90.00
#
_symmetry.space_group_name_H-M   'P 43 21 2'
#
loop_
_entity.id
_entity.type
_entity.pdbx_description
1 polymer R-PHYCOCYANIN
2 polymer R-PHYCOCYANIN
3 non-polymer PHYCOCYANOBILIN
4 non-polymer PHYCOERYTHROBILIN
5 water water
#
loop_
_entity_poly.entity_id
_entity_poly.type
_entity_poly.pdbx_seq_one_letter_code
_entity_poly.pdbx_strand_id
1 'polypeptide(L)'
;MKTPLTEAIAAADSQGRFLSNTELQVVNGRYNRATSSLEAAKALTANADRLISGAANAVYSKFPYTTQMPGPNYSSTAIG
KAKCARDIGYYLRMVTYCLVVGGTGPMDDYLVAGLEEINRTFELSPSWYIEALKYIKNNHGLSGDVANEANTYIDYAINT
LS
;
A,K,M
2 'polypeptide(L)'
;MLDAFAKVVAQADARGEFLSNTQIDALLAIVSEGNKRLDVVNKITNNASAIVTNAARALFAEQPQLISPGGNAYTSRRMA
ACLRDMEIVLRYVSYAMIAGDASVLDDRCLNGLRETYQALGTPGASVAVAIQKMKDAALALVNDTTGTPAGDCASLVAEI
ATYFDRAAAAVA
;
B,L,N
#
loop_
_chem_comp.id
_chem_comp.type
_chem_comp.name
_chem_comp.formula
CYC non-polymer PHYCOCYANOBILIN 'C33 H40 N4 O6'
PEB non-polymer PHYCOERYTHROBILIN 'C33 H40 N4 O6'
#
# COMPACT_ATOMS: atom_id res chain seq x y z
N MET A 1 -21.37 -8.26 -10.40
CA MET A 1 -21.74 -9.36 -11.24
C MET A 1 -21.69 -8.80 -12.65
N LYS A 2 -21.13 -9.48 -13.65
CA LYS A 2 -21.09 -8.91 -14.98
C LYS A 2 -22.37 -9.13 -15.75
N THR A 3 -23.09 -8.05 -15.97
CA THR A 3 -24.25 -8.10 -16.84
C THR A 3 -23.92 -7.14 -18.00
N PRO A 4 -24.64 -7.02 -19.13
CA PRO A 4 -24.50 -5.95 -20.13
C PRO A 4 -24.52 -4.51 -19.59
N LEU A 5 -25.32 -4.25 -18.58
CA LEU A 5 -25.44 -2.90 -18.02
C LEU A 5 -24.22 -2.61 -17.18
N THR A 6 -23.87 -3.56 -16.30
CA THR A 6 -22.68 -3.44 -15.48
C THR A 6 -21.40 -3.35 -16.30
N GLU A 7 -21.19 -4.16 -17.35
CA GLU A 7 -20.01 -4.03 -18.20
C GLU A 7 -19.92 -2.63 -18.83
N ALA A 8 -21.05 -2.05 -19.27
CA ALA A 8 -21.08 -0.70 -19.84
C ALA A 8 -20.73 0.37 -18.82
N ILE A 9 -21.19 0.21 -17.58
CA ILE A 9 -20.88 1.17 -16.53
C ILE A 9 -19.41 1.06 -16.18
N ALA A 10 -18.90 -0.15 -15.93
CA ALA A 10 -17.50 -0.37 -15.63
C ALA A 10 -16.53 0.14 -16.68
N ALA A 11 -16.84 0.04 -17.98
CA ALA A 11 -15.92 0.55 -18.99
C ALA A 11 -15.91 2.07 -18.92
N ALA A 12 -17.07 2.74 -19.03
CA ALA A 12 -17.15 4.20 -18.98
C ALA A 12 -16.46 4.74 -17.73
N ASP A 13 -16.72 4.10 -16.60
CA ASP A 13 -16.09 4.48 -15.36
C ASP A 13 -14.57 4.29 -15.40
N SER A 14 -14.08 3.21 -16.02
CA SER A 14 -12.65 2.96 -16.13
C SER A 14 -11.92 4.07 -16.88
N GLN A 15 -12.61 4.72 -17.80
CA GLN A 15 -11.99 5.80 -18.53
C GLN A 15 -12.44 7.15 -18.01
N GLY A 16 -13.06 7.18 -16.83
CA GLY A 16 -13.51 8.41 -16.20
C GLY A 16 -14.46 9.24 -17.05
N ARG A 17 -15.34 8.56 -17.78
CA ARG A 17 -16.23 9.25 -18.68
C ARG A 17 -17.69 8.84 -18.52
N PHE A 18 -18.58 9.74 -18.92
CA PHE A 18 -19.99 9.40 -19.01
C PHE A 18 -20.15 8.32 -20.08
N LEU A 19 -21.25 7.58 -20.06
CA LEU A 19 -21.54 6.56 -21.07
C LEU A 19 -21.66 7.19 -22.45
N SER A 20 -21.31 6.46 -23.50
CA SER A 20 -21.40 7.01 -24.83
C SER A 20 -22.62 6.46 -25.56
N ASN A 21 -22.90 6.90 -26.81
CA ASN A 21 -24.03 6.34 -27.54
C ASN A 21 -23.78 4.88 -27.85
N THR A 22 -22.52 4.45 -27.87
CA THR A 22 -22.14 3.06 -28.08
C THR A 22 -22.67 2.23 -26.93
N GLU A 23 -22.41 2.66 -25.69
CA GLU A 23 -22.89 1.92 -24.54
C GLU A 23 -24.40 1.96 -24.49
N LEU A 24 -25.01 3.02 -25.01
CA LEU A 24 -26.46 3.05 -25.02
C LEU A 24 -26.98 2.10 -26.09
N GLN A 25 -26.30 1.96 -27.22
CA GLN A 25 -26.71 1.01 -28.23
C GLN A 25 -26.52 -0.39 -27.68
N VAL A 26 -25.50 -0.67 -26.86
CA VAL A 26 -25.34 -2.01 -26.32
C VAL A 26 -26.43 -2.30 -25.28
N VAL A 27 -26.81 -1.38 -24.38
CA VAL A 27 -27.88 -1.66 -23.43
C VAL A 27 -29.20 -1.82 -24.22
N ASN A 28 -29.37 -1.14 -25.35
CA ASN A 28 -30.53 -1.36 -26.20
C ASN A 28 -30.52 -2.80 -26.74
N GLY A 29 -29.38 -3.34 -27.16
CA GLY A 29 -29.30 -4.73 -27.60
C GLY A 29 -29.75 -5.73 -26.54
N ARG A 30 -29.47 -5.47 -25.26
CA ARG A 30 -29.94 -6.34 -24.19
C ARG A 30 -31.45 -6.23 -24.08
N TYR A 31 -31.97 -5.01 -23.95
CA TYR A 31 -33.40 -4.80 -23.82
C TYR A 31 -34.21 -5.43 -24.95
N ASN A 32 -33.62 -5.52 -26.14
CA ASN A 32 -34.31 -6.08 -27.30
C ASN A 32 -34.37 -7.60 -27.22
N ARG A 33 -33.29 -8.26 -26.79
CA ARG A 33 -33.24 -9.70 -26.72
C ARG A 33 -33.93 -10.24 -25.46
N ALA A 34 -33.95 -9.46 -24.38
CA ALA A 34 -34.52 -9.87 -23.10
C ALA A 34 -35.86 -10.56 -23.14
N THR A 35 -36.81 -10.18 -23.98
CA THR A 35 -38.12 -10.83 -24.02
C THR A 35 -38.02 -12.33 -24.29
N SER A 36 -37.17 -12.71 -25.25
CA SER A 36 -36.87 -14.12 -25.48
C SER A 36 -36.30 -14.74 -24.21
N SER A 37 -35.32 -14.05 -23.63
CA SER A 37 -34.65 -14.52 -22.44
C SER A 37 -35.61 -14.75 -21.27
N LEU A 38 -36.52 -13.83 -20.91
CA LEU A 38 -37.45 -14.11 -19.84
C LEU A 38 -38.47 -15.17 -20.17
N GLU A 39 -38.84 -15.37 -21.44
CA GLU A 39 -39.74 -16.47 -21.79
C GLU A 39 -39.04 -17.77 -21.47
N ALA A 40 -37.81 -17.92 -21.95
CA ALA A 40 -37.03 -19.12 -21.71
C ALA A 40 -36.84 -19.40 -20.22
N ALA A 41 -36.50 -18.41 -19.38
CA ALA A 41 -36.31 -18.64 -17.95
C ALA A 41 -37.58 -19.16 -17.33
N LYS A 42 -38.70 -18.50 -17.62
CA LYS A 42 -40.02 -18.85 -17.12
C LYS A 42 -40.42 -20.29 -17.41
N ALA A 43 -40.23 -20.79 -18.64
CA ALA A 43 -40.59 -22.16 -18.99
C ALA A 43 -39.68 -23.16 -18.30
N LEU A 44 -38.36 -22.96 -18.38
CA LEU A 44 -37.38 -23.84 -17.73
C LEU A 44 -37.60 -23.90 -16.24
N THR A 45 -38.01 -22.80 -15.63
CA THR A 45 -38.30 -22.84 -14.20
C THR A 45 -39.50 -23.73 -13.93
N ALA A 46 -40.56 -23.57 -14.73
CA ALA A 46 -41.80 -24.30 -14.54
C ALA A 46 -41.62 -25.80 -14.75
N ASN A 47 -40.64 -26.21 -15.55
CA ASN A 47 -40.41 -27.61 -15.80
C ASN A 47 -39.13 -28.05 -15.12
N ALA A 48 -38.79 -27.43 -14.00
CA ALA A 48 -37.54 -27.71 -13.35
C ALA A 48 -37.48 -29.16 -12.88
N ASP A 49 -38.43 -29.66 -12.07
CA ASP A 49 -38.33 -31.01 -11.56
C ASP A 49 -38.37 -32.13 -12.58
N ARG A 50 -39.17 -31.96 -13.62
CA ARG A 50 -39.18 -32.90 -14.73
C ARG A 50 -37.78 -32.95 -15.37
N LEU A 51 -37.20 -31.77 -15.65
CA LEU A 51 -35.91 -31.67 -16.30
C LEU A 51 -34.77 -32.17 -15.42
N ILE A 52 -34.83 -31.97 -14.10
CA ILE A 52 -33.80 -32.42 -13.20
C ILE A 52 -33.86 -33.93 -13.07
N SER A 53 -35.02 -34.48 -12.69
CA SER A 53 -35.22 -35.91 -12.60
C SER A 53 -34.84 -36.64 -13.88
N GLY A 54 -35.31 -36.16 -15.04
CA GLY A 54 -35.01 -36.78 -16.31
C GLY A 54 -33.53 -36.71 -16.66
N ALA A 55 -32.91 -35.56 -16.40
CA ALA A 55 -31.48 -35.39 -16.63
C ALA A 55 -30.69 -36.30 -15.73
N ALA A 56 -31.07 -36.48 -14.46
CA ALA A 56 -30.37 -37.38 -13.55
C ALA A 56 -30.42 -38.80 -14.08
N ASN A 57 -31.64 -39.22 -14.44
CA ASN A 57 -31.83 -40.54 -15.01
C ASN A 57 -31.11 -40.72 -16.34
N ALA A 58 -30.86 -39.65 -17.13
CA ALA A 58 -30.09 -39.78 -18.37
C ALA A 58 -28.63 -40.11 -18.08
N VAL A 59 -28.05 -39.45 -17.08
CA VAL A 59 -26.69 -39.73 -16.65
C VAL A 59 -26.59 -41.19 -16.21
N TYR A 60 -27.48 -41.69 -15.33
CA TYR A 60 -27.38 -43.05 -14.84
C TYR A 60 -27.59 -44.10 -15.92
N SER A 61 -28.34 -43.81 -17.00
CA SER A 61 -28.48 -44.77 -18.08
C SER A 61 -27.23 -44.76 -18.94
N LYS A 62 -26.62 -43.60 -19.16
CA LYS A 62 -25.42 -43.55 -19.97
C LYS A 62 -24.22 -44.09 -19.19
N PHE A 63 -24.17 -43.89 -17.88
CA PHE A 63 -23.03 -44.32 -17.09
C PHE A 63 -23.44 -45.20 -15.92
N PRO A 64 -23.98 -46.39 -16.16
CA PRO A 64 -24.55 -47.27 -15.13
C PRO A 64 -23.63 -47.56 -13.96
N TYR A 65 -22.31 -47.53 -14.13
CA TYR A 65 -21.39 -47.80 -13.04
C TYR A 65 -21.57 -46.87 -11.84
N THR A 66 -22.04 -45.64 -12.05
CA THR A 66 -22.23 -44.67 -10.97
C THR A 66 -23.39 -45.09 -10.04
N THR A 67 -24.19 -46.05 -10.47
CA THR A 67 -25.29 -46.55 -9.68
C THR A 67 -24.88 -47.80 -8.90
N GLN A 68 -23.73 -48.35 -9.28
CA GLN A 68 -23.28 -49.63 -8.77
C GLN A 68 -22.00 -49.63 -7.95
N MET A 69 -21.09 -48.72 -8.24
CA MET A 69 -19.84 -48.63 -7.51
C MET A 69 -20.05 -48.03 -6.13
N PRO A 70 -19.45 -48.63 -5.09
CA PRO A 70 -19.49 -48.20 -3.70
C PRO A 70 -18.69 -46.95 -3.39
N GLY A 71 -19.16 -46.15 -2.44
CA GLY A 71 -18.37 -45.00 -2.00
C GLY A 71 -19.09 -43.68 -2.18
N PRO A 72 -18.72 -42.64 -1.42
CA PRO A 72 -19.48 -41.40 -1.34
C PRO A 72 -19.55 -40.60 -2.62
N ASN A 73 -18.63 -40.74 -3.57
CA ASN A 73 -18.84 -39.86 -4.70
C ASN A 73 -19.72 -40.44 -5.78
N TYR A 74 -20.31 -41.63 -5.61
CA TYR A 74 -21.22 -42.17 -6.61
C TYR A 74 -22.67 -42.05 -6.19
N SER A 75 -23.54 -42.41 -7.12
CA SER A 75 -24.97 -42.48 -6.94
C SER A 75 -25.45 -43.83 -6.42
N SER A 76 -24.69 -44.59 -5.69
CA SER A 76 -25.13 -45.91 -5.23
C SER A 76 -25.68 -45.83 -3.79
N THR A 77 -25.88 -44.61 -3.36
CA THR A 77 -26.31 -44.30 -2.02
C THR A 77 -27.51 -43.35 -2.11
N ALA A 78 -28.40 -43.31 -1.09
CA ALA A 78 -29.51 -42.36 -1.03
C ALA A 78 -28.94 -40.94 -1.06
N ILE A 79 -27.92 -40.67 -0.24
CA ILE A 79 -27.26 -39.37 -0.16
C ILE A 79 -26.61 -39.02 -1.49
N GLY A 80 -25.92 -39.99 -2.11
CA GLY A 80 -25.26 -39.77 -3.37
C GLY A 80 -26.26 -39.40 -4.44
N LYS A 81 -27.42 -40.05 -4.47
CA LYS A 81 -28.44 -39.75 -5.46
C LYS A 81 -29.04 -38.37 -5.27
N ALA A 82 -29.21 -37.97 -4.02
CA ALA A 82 -29.72 -36.66 -3.68
C ALA A 82 -28.76 -35.57 -4.13
N LYS A 83 -27.49 -35.72 -3.79
CA LYS A 83 -26.47 -34.77 -4.17
C LYS A 83 -26.31 -34.68 -5.67
N CYS A 84 -26.40 -35.78 -6.39
CA CYS A 84 -26.31 -35.71 -7.83
C CYS A 84 -27.49 -34.90 -8.39
N ALA A 85 -28.72 -35.21 -7.99
CA ALA A 85 -29.90 -34.45 -8.42
C ALA A 85 -29.79 -32.97 -8.08
N ARG A 86 -29.28 -32.68 -6.88
CA ARG A 86 -29.02 -31.34 -6.37
C ARG A 86 -28.10 -30.59 -7.31
N ASP A 87 -26.94 -31.17 -7.63
CA ASP A 87 -26.01 -30.57 -8.56
C ASP A 87 -26.59 -30.24 -9.92
N ILE A 88 -27.43 -31.09 -10.50
CA ILE A 88 -28.02 -30.82 -11.81
C ILE A 88 -29.02 -29.68 -11.69
N GLY A 89 -29.67 -29.59 -10.53
CA GLY A 89 -30.61 -28.51 -10.26
C GLY A 89 -29.87 -27.19 -10.13
N TYR A 90 -28.63 -27.22 -9.62
CA TYR A 90 -27.79 -26.04 -9.55
C TYR A 90 -27.47 -25.52 -10.95
N TYR A 91 -27.05 -26.39 -11.89
CA TYR A 91 -26.85 -25.97 -13.26
C TYR A 91 -28.08 -25.36 -13.90
N LEU A 92 -29.26 -26.00 -13.80
CA LEU A 92 -30.46 -25.43 -14.39
C LEU A 92 -30.78 -24.09 -13.75
N ARG A 93 -30.70 -23.94 -12.42
CA ARG A 93 -30.92 -22.67 -11.76
C ARG A 93 -30.01 -21.56 -12.27
N MET A 94 -28.69 -21.75 -12.25
CA MET A 94 -27.77 -20.74 -12.76
C MET A 94 -28.06 -20.42 -14.23
N VAL A 95 -28.54 -21.36 -15.05
CA VAL A 95 -28.87 -21.03 -16.43
C VAL A 95 -30.07 -20.08 -16.42
N THR A 96 -31.10 -20.28 -15.58
CA THR A 96 -32.25 -19.36 -15.63
C THR A 96 -31.82 -17.97 -15.18
N TYR A 97 -30.90 -17.90 -14.22
CA TYR A 97 -30.31 -16.65 -13.76
C TYR A 97 -29.56 -15.94 -14.88
N CYS A 98 -28.73 -16.61 -15.69
CA CYS A 98 -28.05 -15.99 -16.83
C CYS A 98 -29.03 -15.41 -17.82
N LEU A 99 -30.16 -16.11 -18.02
CA LEU A 99 -31.18 -15.63 -18.93
C LEU A 99 -31.76 -14.36 -18.35
N VAL A 100 -32.07 -14.29 -17.05
CA VAL A 100 -32.61 -13.05 -16.51
C VAL A 100 -31.64 -11.87 -16.63
N VAL A 101 -30.32 -12.00 -16.45
CA VAL A 101 -29.43 -10.82 -16.57
C VAL A 101 -28.72 -10.66 -17.92
N GLY A 102 -28.83 -11.57 -18.88
CA GLY A 102 -28.21 -11.38 -20.20
C GLY A 102 -26.71 -11.57 -20.27
N GLY A 103 -26.14 -12.39 -19.39
CA GLY A 103 -24.72 -12.65 -19.40
C GLY A 103 -24.48 -13.90 -18.60
N THR A 104 -23.32 -14.53 -18.77
CA THR A 104 -22.92 -15.70 -17.98
C THR A 104 -22.52 -15.37 -16.53
N GLY A 105 -22.52 -14.10 -16.12
CA GLY A 105 -22.13 -13.65 -14.77
C GLY A 105 -22.60 -14.50 -13.58
N PRO A 106 -23.89 -14.80 -13.37
CA PRO A 106 -24.36 -15.59 -12.24
C PRO A 106 -23.68 -16.94 -12.20
N MET A 107 -23.70 -17.66 -13.34
CA MET A 107 -23.05 -18.95 -13.46
C MET A 107 -21.56 -18.82 -13.21
N ASP A 108 -20.89 -17.79 -13.73
CA ASP A 108 -19.46 -17.64 -13.49
C ASP A 108 -19.11 -17.36 -12.06
N ASP A 109 -19.87 -16.48 -11.41
CA ASP A 109 -19.59 -16.12 -10.04
C ASP A 109 -19.85 -17.28 -9.08
N TYR A 110 -21.04 -17.86 -9.24
CA TYR A 110 -21.54 -18.87 -8.33
C TYR A 110 -21.07 -20.30 -8.61
N LEU A 111 -20.78 -20.65 -9.86
CA LEU A 111 -20.43 -22.01 -10.21
C LEU A 111 -19.12 -22.20 -10.96
N VAL A 112 -18.72 -21.44 -11.97
CA VAL A 112 -17.47 -21.79 -12.65
C VAL A 112 -16.23 -21.55 -11.79
N ALA A 113 -16.15 -20.43 -11.07
CA ALA A 113 -14.99 -20.12 -10.25
C ALA A 113 -14.87 -21.14 -9.12
N GLY A 114 -13.83 -21.99 -9.13
CA GLY A 114 -13.64 -23.01 -8.11
C GLY A 114 -13.98 -24.42 -8.58
N LEU A 115 -14.73 -24.58 -9.69
CA LEU A 115 -15.18 -25.89 -10.14
C LEU A 115 -14.10 -26.93 -10.32
N GLU A 116 -13.08 -26.64 -11.12
CA GLU A 116 -11.97 -27.56 -11.36
C GLU A 116 -11.38 -28.15 -10.10
N GLU A 117 -11.17 -27.30 -9.11
CA GLU A 117 -10.63 -27.76 -7.85
C GLU A 117 -11.65 -28.65 -7.19
N ILE A 118 -12.94 -28.31 -7.11
CA ILE A 118 -13.83 -29.23 -6.40
C ILE A 118 -14.02 -30.51 -7.19
N ASN A 119 -14.08 -30.54 -8.53
CA ASN A 119 -14.25 -31.82 -9.21
C ASN A 119 -13.01 -32.68 -9.16
N ARG A 120 -11.80 -32.13 -9.05
CA ARG A 120 -10.61 -32.96 -8.87
C ARG A 120 -10.69 -33.56 -7.49
N THR A 121 -10.86 -32.69 -6.50
CA THR A 121 -10.88 -33.09 -5.10
C THR A 121 -11.92 -34.16 -4.78
N PHE A 122 -13.14 -34.03 -5.30
CA PHE A 122 -14.15 -35.02 -5.02
C PHE A 122 -14.27 -36.08 -6.10
N GLU A 123 -13.38 -36.05 -7.09
CA GLU A 123 -13.33 -37.02 -8.17
C GLU A 123 -14.65 -37.15 -8.91
N LEU A 124 -15.26 -36.00 -9.18
CA LEU A 124 -16.52 -36.02 -9.89
C LEU A 124 -16.16 -35.81 -11.36
N SER A 125 -16.79 -36.52 -12.27
CA SER A 125 -16.42 -36.35 -13.67
C SER A 125 -17.24 -35.32 -14.41
N PRO A 126 -16.60 -34.42 -15.17
CA PRO A 126 -17.26 -33.47 -16.04
C PRO A 126 -18.20 -34.14 -17.04
N SER A 127 -17.87 -35.36 -17.46
CA SER A 127 -18.66 -36.08 -18.45
C SER A 127 -20.08 -36.41 -17.97
N TRP A 128 -20.19 -36.63 -16.66
CA TRP A 128 -21.50 -36.88 -16.05
C TRP A 128 -22.40 -35.67 -16.25
N TYR A 129 -21.89 -34.49 -15.92
CA TYR A 129 -22.70 -33.29 -16.02
C TYR A 129 -22.98 -32.84 -17.43
N ILE A 130 -22.05 -33.09 -18.36
CA ILE A 130 -22.25 -32.76 -19.76
C ILE A 130 -23.47 -33.57 -20.24
N GLU A 131 -23.56 -34.85 -19.86
CA GLU A 131 -24.69 -35.71 -20.21
C GLU A 131 -25.98 -35.11 -19.70
N ALA A 132 -25.99 -34.62 -18.47
CA ALA A 132 -27.16 -33.97 -17.94
C ALA A 132 -27.56 -32.77 -18.79
N LEU A 133 -26.63 -31.87 -19.16
CA LEU A 133 -26.99 -30.66 -19.89
C LEU A 133 -27.49 -30.98 -21.28
N LYS A 134 -26.89 -31.96 -21.93
CA LYS A 134 -27.33 -32.39 -23.24
C LYS A 134 -28.78 -32.86 -23.18
N TYR A 135 -29.15 -33.58 -22.13
CA TYR A 135 -30.53 -34.02 -21.97
C TYR A 135 -31.44 -32.79 -21.81
N ILE A 136 -31.11 -31.80 -20.99
CA ILE A 136 -32.01 -30.66 -20.76
C ILE A 136 -32.20 -29.87 -22.05
N LYS A 137 -31.11 -29.84 -22.82
CA LYS A 137 -31.06 -29.14 -24.07
C LYS A 137 -32.03 -29.83 -25.02
N ASN A 138 -31.91 -31.15 -25.11
CA ASN A 138 -32.74 -31.91 -26.01
C ASN A 138 -34.20 -32.01 -25.62
N ASN A 139 -34.67 -31.52 -24.48
CA ASN A 139 -36.10 -31.61 -24.22
C ASN A 139 -36.71 -30.59 -23.29
N HIS A 140 -36.16 -29.37 -23.36
CA HIS A 140 -36.84 -28.29 -22.65
C HIS A 140 -38.12 -27.95 -23.41
N GLY A 141 -38.15 -28.17 -24.72
CA GLY A 141 -39.34 -27.99 -25.54
C GLY A 141 -39.40 -26.68 -26.34
N LEU A 142 -38.57 -25.72 -25.95
CA LEU A 142 -38.53 -24.40 -26.58
C LEU A 142 -38.16 -24.48 -28.04
N SER A 143 -38.48 -23.38 -28.71
CA SER A 143 -38.29 -23.27 -30.13
C SER A 143 -37.86 -21.87 -30.53
N GLY A 144 -37.43 -21.76 -31.79
CA GLY A 144 -36.99 -20.51 -32.38
C GLY A 144 -35.96 -19.81 -31.52
N ASP A 145 -36.08 -18.49 -31.40
CA ASP A 145 -35.07 -17.78 -30.64
C ASP A 145 -35.19 -17.92 -29.13
N VAL A 146 -36.27 -18.45 -28.52
CA VAL A 146 -36.23 -18.72 -27.07
C VAL A 146 -35.37 -19.96 -26.85
N ALA A 147 -35.37 -20.86 -27.81
CA ALA A 147 -34.52 -22.03 -27.74
C ALA A 147 -33.08 -21.59 -27.94
N ASN A 148 -32.88 -20.59 -28.81
CA ASN A 148 -31.56 -20.07 -29.17
C ASN A 148 -30.88 -19.58 -27.92
N GLU A 149 -31.63 -18.77 -27.17
CA GLU A 149 -31.18 -18.25 -25.90
C GLU A 149 -30.82 -19.32 -24.88
N ALA A 150 -31.76 -20.21 -24.52
CA ALA A 150 -31.48 -21.21 -23.51
C ALA A 150 -30.31 -22.10 -23.90
N ASN A 151 -30.15 -22.44 -25.18
CA ASN A 151 -29.04 -23.28 -25.60
C ASN A 151 -27.69 -22.60 -25.58
N THR A 152 -27.60 -21.28 -25.73
CA THR A 152 -26.32 -20.59 -25.69
C THR A 152 -25.71 -20.70 -24.29
N TYR A 153 -26.54 -20.58 -23.25
CA TYR A 153 -26.03 -20.74 -21.91
C TYR A 153 -25.87 -22.21 -21.57
N ILE A 154 -26.70 -23.15 -22.01
CA ILE A 154 -26.47 -24.57 -21.70
C ILE A 154 -25.20 -25.01 -22.43
N ASP A 155 -24.94 -24.59 -23.66
CA ASP A 155 -23.66 -24.87 -24.30
C ASP A 155 -22.47 -24.17 -23.69
N TYR A 156 -22.65 -23.02 -23.03
CA TYR A 156 -21.56 -22.33 -22.36
C TYR A 156 -21.06 -23.26 -21.26
N ALA A 157 -22.03 -23.80 -20.51
CA ALA A 157 -21.79 -24.72 -19.42
C ALA A 157 -21.00 -25.93 -19.89
N ILE A 158 -21.38 -26.52 -21.03
CA ILE A 158 -20.67 -27.67 -21.57
C ILE A 158 -19.26 -27.25 -21.96
N ASN A 159 -19.03 -26.07 -22.55
CA ASN A 159 -17.68 -25.63 -22.88
C ASN A 159 -16.85 -25.36 -21.64
N THR A 160 -17.42 -24.91 -20.52
CA THR A 160 -16.71 -24.78 -19.25
C THR A 160 -16.20 -26.16 -18.79
N LEU A 161 -16.94 -27.22 -19.11
CA LEU A 161 -16.61 -28.56 -18.69
C LEU A 161 -15.80 -29.38 -19.68
N SER A 162 -15.56 -28.87 -20.89
CA SER A 162 -14.86 -29.58 -21.95
C SER A 162 -13.50 -28.98 -22.32
N MET B 1 -20.93 -3.95 -7.88
CA MET B 1 -21.85 -3.46 -8.89
C MET B 1 -22.86 -4.53 -9.27
N LEU B 2 -24.10 -4.09 -9.09
CA LEU B 2 -25.30 -4.85 -9.40
C LEU B 2 -26.23 -3.94 -10.18
N ASP B 3 -26.94 -4.47 -11.17
CA ASP B 3 -28.01 -3.71 -11.78
C ASP B 3 -29.33 -4.27 -11.21
N ALA B 4 -30.49 -3.80 -11.63
CA ALA B 4 -31.78 -4.20 -11.06
C ALA B 4 -32.05 -5.69 -11.10
N PHE B 5 -31.69 -6.28 -12.25
CA PHE B 5 -31.87 -7.70 -12.52
C PHE B 5 -30.96 -8.56 -11.65
N ALA B 6 -29.67 -8.21 -11.60
CA ALA B 6 -28.69 -8.90 -10.80
C ALA B 6 -28.98 -8.83 -9.31
N LYS B 7 -29.64 -7.78 -8.82
CA LYS B 7 -29.92 -7.70 -7.39
C LYS B 7 -30.92 -8.76 -6.98
N VAL B 8 -31.87 -9.04 -7.86
CA VAL B 8 -32.88 -10.05 -7.59
C VAL B 8 -32.27 -11.44 -7.68
N VAL B 9 -31.49 -11.71 -8.72
CA VAL B 9 -30.82 -12.99 -8.91
C VAL B 9 -29.98 -13.34 -7.71
N ALA B 10 -29.27 -12.32 -7.23
CA ALA B 10 -28.44 -12.46 -6.05
C ALA B 10 -29.29 -12.85 -4.86
N GLN B 11 -30.45 -12.22 -4.65
CA GLN B 11 -31.30 -12.59 -3.52
C GLN B 11 -31.87 -13.99 -3.60
N ALA B 12 -32.22 -14.39 -4.82
CA ALA B 12 -32.81 -15.68 -5.01
C ALA B 12 -31.76 -16.77 -4.77
N ASP B 13 -30.51 -16.61 -5.20
CA ASP B 13 -29.48 -17.61 -4.95
C ASP B 13 -29.17 -17.80 -3.47
N ALA B 14 -29.16 -16.75 -2.66
CA ALA B 14 -28.90 -16.92 -1.22
C ALA B 14 -29.98 -17.76 -0.56
N ARG B 15 -31.14 -17.91 -1.20
CA ARG B 15 -32.21 -18.72 -0.68
C ARG B 15 -32.32 -19.99 -1.50
N GLY B 16 -31.45 -20.20 -2.50
CA GLY B 16 -31.52 -21.33 -3.41
C GLY B 16 -32.85 -21.40 -4.15
N GLU B 17 -33.46 -20.26 -4.46
CA GLU B 17 -34.74 -20.24 -5.13
C GLU B 17 -34.65 -19.83 -6.58
N PHE B 18 -35.49 -20.38 -7.46
CA PHE B 18 -35.64 -19.88 -8.82
C PHE B 18 -36.45 -18.60 -8.68
N LEU B 19 -36.41 -17.69 -9.66
CA LEU B 19 -37.22 -16.49 -9.61
C LEU B 19 -38.67 -16.82 -9.86
N SER B 20 -39.57 -16.19 -9.12
CA SER B 20 -41.00 -16.41 -9.30
C SER B 20 -41.51 -15.66 -10.53
N ASN B 21 -42.74 -15.98 -10.94
CA ASN B 21 -43.37 -15.32 -12.06
C ASN B 21 -43.63 -13.86 -11.78
N THR B 22 -43.95 -13.53 -10.52
CA THR B 22 -44.13 -12.14 -10.12
C THR B 22 -42.83 -11.40 -10.36
N GLN B 23 -41.75 -11.92 -9.81
CA GLN B 23 -40.42 -11.34 -9.99
C GLN B 23 -40.03 -11.23 -11.45
N ILE B 24 -40.48 -12.17 -12.28
CA ILE B 24 -40.18 -12.16 -13.70
C ILE B 24 -41.00 -11.07 -14.39
N ASP B 25 -42.29 -10.97 -14.10
CA ASP B 25 -43.16 -9.98 -14.72
C ASP B 25 -42.67 -8.60 -14.30
N ALA B 26 -42.21 -8.42 -13.06
CA ALA B 26 -41.65 -7.15 -12.61
C ALA B 26 -40.42 -6.72 -13.40
N LEU B 27 -39.50 -7.64 -13.75
CA LEU B 27 -38.34 -7.27 -14.55
C LEU B 27 -38.75 -7.07 -16.02
N LEU B 28 -39.89 -7.61 -16.46
CA LEU B 28 -40.41 -7.34 -17.80
C LEU B 28 -40.92 -5.90 -17.88
N ALA B 29 -41.39 -5.31 -16.77
CA ALA B 29 -41.82 -3.93 -16.78
C ALA B 29 -40.64 -3.01 -17.06
N ILE B 30 -39.49 -3.19 -16.38
CA ILE B 30 -38.28 -2.38 -16.62
C ILE B 30 -37.86 -2.51 -18.08
N VAL B 31 -37.84 -3.70 -18.70
CA VAL B 31 -37.50 -3.82 -20.10
C VAL B 31 -38.50 -3.00 -20.93
N SER B 32 -39.78 -2.94 -20.54
CA SER B 32 -40.76 -2.12 -21.25
C SER B 32 -40.39 -0.64 -21.24
N GLU B 33 -39.92 -0.11 -20.12
CA GLU B 33 -39.54 1.28 -20.02
C GLU B 33 -38.12 1.57 -20.49
N GLY B 34 -37.54 0.68 -21.29
CA GLY B 34 -36.13 0.75 -21.66
C GLY B 34 -35.80 2.01 -22.43
N ASN B 35 -36.55 2.18 -23.51
CA ASN B 35 -36.40 3.31 -24.42
C ASN B 35 -36.33 4.66 -23.71
N LYS B 36 -37.27 4.87 -22.79
CA LYS B 36 -37.35 6.10 -22.02
C LYS B 36 -36.12 6.34 -21.16
N ARG B 37 -35.66 5.34 -20.41
CA ARG B 37 -34.49 5.43 -19.53
C ARG B 37 -33.23 5.76 -20.32
N LEU B 38 -33.11 5.18 -21.51
CA LEU B 38 -32.02 5.48 -22.41
C LEU B 38 -32.10 6.94 -22.85
N ASP B 39 -33.31 7.49 -23.07
CA ASP B 39 -33.44 8.91 -23.39
C ASP B 39 -33.04 9.73 -22.19
N VAL B 40 -33.51 9.36 -21.00
CA VAL B 40 -33.19 10.03 -19.76
C VAL B 40 -31.68 10.20 -19.58
N VAL B 41 -30.90 9.12 -19.66
CA VAL B 41 -29.48 9.28 -19.46
C VAL B 41 -28.88 9.97 -20.66
N ASN B 42 -29.40 9.82 -21.88
CA ASN B 42 -28.86 10.53 -23.04
C ASN B 42 -28.97 12.04 -22.89
N LYS B 43 -30.11 12.51 -22.37
CA LYS B 43 -30.31 13.91 -22.07
C LYS B 43 -29.32 14.42 -21.03
N ILE B 44 -28.96 13.66 -19.99
CA ILE B 44 -27.99 14.14 -19.01
C ILE B 44 -26.62 14.13 -19.68
N THR B 45 -26.22 13.00 -20.27
CA THR B 45 -24.96 12.78 -20.94
C THR B 45 -24.66 13.87 -21.97
N ASN B 46 -25.68 14.39 -22.66
CA ASN B 46 -25.46 15.40 -23.68
C ASN B 46 -25.45 16.83 -23.24
N ASN B 47 -25.76 17.04 -21.97
CA ASN B 47 -25.81 18.37 -21.41
C ASN B 47 -24.88 18.43 -20.23
N ALA B 48 -24.01 17.44 -20.09
CA ALA B 48 -23.21 17.29 -18.88
C ALA B 48 -22.41 18.52 -18.48
N SER B 49 -21.68 19.16 -19.38
CA SER B 49 -20.89 20.34 -19.05
C SER B 49 -21.73 21.54 -18.62
N ALA B 50 -22.85 21.73 -19.29
CA ALA B 50 -23.81 22.77 -18.98
C ALA B 50 -24.42 22.55 -17.60
N ILE B 51 -24.80 21.31 -17.24
CA ILE B 51 -25.40 21.04 -15.94
C ILE B 51 -24.38 21.38 -14.84
N VAL B 52 -23.11 20.95 -14.97
CA VAL B 52 -22.06 21.23 -13.98
C VAL B 52 -21.73 22.71 -13.91
N THR B 53 -21.45 23.45 -15.01
CA THR B 53 -21.01 24.83 -14.92
C THR B 53 -22.10 25.79 -14.50
N ASN B 54 -23.31 25.58 -15.01
CA ASN B 54 -24.41 26.45 -14.63
C ASN B 54 -24.74 26.25 -13.17
N ALA B 55 -24.73 24.99 -12.71
CA ALA B 55 -24.99 24.72 -11.30
C ALA B 55 -23.86 25.29 -10.46
N ALA B 56 -22.62 25.24 -10.94
CA ALA B 56 -21.48 25.78 -10.22
C ALA B 56 -21.57 27.29 -10.10
N ARG B 57 -21.90 28.00 -11.18
CA ARG B 57 -22.07 29.45 -11.15
C ARG B 57 -23.07 29.84 -10.06
N ALA B 58 -24.24 29.17 -10.03
CA ALA B 58 -25.29 29.42 -9.06
C ALA B 58 -24.83 29.23 -7.62
N LEU B 59 -24.06 28.17 -7.37
CA LEU B 59 -23.53 27.94 -6.04
C LEU B 59 -22.63 29.09 -5.64
N PHE B 60 -21.71 29.56 -6.49
CA PHE B 60 -20.78 30.60 -6.09
C PHE B 60 -21.41 31.97 -5.98
N ALA B 61 -22.50 32.17 -6.72
CA ALA B 61 -23.31 33.36 -6.63
C ALA B 61 -24.09 33.36 -5.32
N GLU B 62 -24.49 32.20 -4.80
CA GLU B 62 -25.17 32.17 -3.53
C GLU B 62 -24.19 32.11 -2.37
N GLN B 63 -23.04 31.46 -2.51
CA GLN B 63 -22.09 31.36 -1.43
C GLN B 63 -20.72 31.95 -1.78
N PRO B 64 -20.57 33.26 -1.98
CA PRO B 64 -19.37 33.88 -2.55
C PRO B 64 -18.11 33.75 -1.69
N GLN B 65 -18.31 33.28 -0.47
CA GLN B 65 -17.23 33.02 0.46
C GLN B 65 -16.40 31.81 0.01
N LEU B 66 -16.95 30.97 -0.86
CA LEU B 66 -16.23 29.80 -1.35
C LEU B 66 -15.07 30.23 -2.26
N ILE B 67 -15.25 31.29 -3.05
CA ILE B 67 -14.24 31.78 -3.98
C ILE B 67 -13.46 33.00 -3.47
N SER B 68 -13.68 33.48 -2.25
CA SER B 68 -12.87 34.58 -1.76
C SER B 68 -11.49 34.03 -1.38
N PRO B 69 -10.39 34.78 -1.36
CA PRO B 69 -9.10 34.36 -0.81
C PRO B 69 -9.24 33.62 0.50
N GLY B 70 -8.57 32.48 0.58
CA GLY B 70 -8.67 31.60 1.73
C GLY B 70 -9.93 30.75 1.70
N GLY B 71 -10.84 30.91 0.74
CA GLY B 71 -12.07 30.13 0.62
C GLY B 71 -11.76 28.75 0.05
N ASN B 72 -12.61 27.72 0.20
CA ASN B 72 -12.19 26.38 -0.21
C ASN B 72 -12.24 26.17 -1.72
N ALA B 73 -12.85 27.05 -2.50
CA ALA B 73 -12.76 26.90 -3.94
C ALA B 73 -11.92 28.05 -4.50
N TYR B 74 -11.15 28.78 -3.70
CA TYR B 74 -10.23 29.80 -4.20
C TYR B 74 -8.98 29.07 -4.72
N THR B 75 -8.17 29.65 -5.61
CA THR B 75 -7.04 29.19 -6.44
C THR B 75 -7.55 28.31 -7.57
N SER B 76 -6.82 28.20 -8.70
CA SER B 76 -7.28 27.35 -9.79
C SER B 76 -7.30 25.85 -9.50
N ARG B 77 -6.40 25.31 -8.67
CA ARG B 77 -6.37 23.89 -8.31
C ARG B 77 -7.61 23.48 -7.52
N ARG B 78 -8.03 24.31 -6.57
CA ARG B 78 -9.20 23.97 -5.78
C ARG B 78 -10.48 24.13 -6.56
N MET B 79 -10.60 25.15 -7.41
CA MET B 79 -11.80 25.33 -8.21
C MET B 79 -11.93 24.15 -9.16
N ALA B 80 -10.83 23.77 -9.81
CA ALA B 80 -10.81 22.64 -10.72
C ALA B 80 -11.22 21.36 -10.00
N ALA B 81 -10.73 21.13 -8.78
CA ALA B 81 -11.12 19.96 -8.00
C ALA B 81 -12.61 19.97 -7.67
N CYS B 82 -13.16 21.15 -7.42
CA CYS B 82 -14.59 21.30 -7.16
C CYS B 82 -15.45 21.07 -8.39
N LEU B 83 -15.07 21.51 -9.59
CA LEU B 83 -15.86 21.24 -10.79
C LEU B 83 -15.80 19.76 -11.13
N ARG B 84 -14.64 19.15 -10.86
CA ARG B 84 -14.39 17.74 -11.09
C ARG B 84 -15.33 16.90 -10.25
N ASP B 85 -15.45 17.20 -8.96
CA ASP B 85 -16.35 16.44 -8.11
C ASP B 85 -17.80 16.50 -8.52
N MET B 86 -18.27 17.65 -9.02
CA MET B 86 -19.67 17.79 -9.39
C MET B 86 -19.96 16.89 -10.58
N GLU B 87 -18.94 16.80 -11.43
CA GLU B 87 -19.00 15.94 -12.60
C GLU B 87 -18.94 14.48 -12.16
N ILE B 88 -18.09 14.10 -11.19
CA ILE B 88 -18.04 12.73 -10.68
C ILE B 88 -19.44 12.38 -10.17
N VAL B 89 -20.07 13.21 -9.34
CA VAL B 89 -21.41 12.93 -8.83
C VAL B 89 -22.41 12.78 -9.97
N LEU B 90 -22.41 13.67 -10.95
CA LEU B 90 -23.35 13.58 -12.06
C LEU B 90 -23.12 12.27 -12.82
N ARG B 91 -21.87 11.84 -13.00
CA ARG B 91 -21.52 10.57 -13.64
C ARG B 91 -22.08 9.36 -12.91
N TYR B 92 -21.83 9.22 -11.61
CA TYR B 92 -22.37 8.08 -10.88
C TYR B 92 -23.89 8.11 -10.84
N VAL B 93 -24.55 9.27 -10.81
CA VAL B 93 -26.01 9.31 -10.88
C VAL B 93 -26.50 8.80 -12.25
N SER B 94 -25.79 9.11 -13.35
CA SER B 94 -26.11 8.63 -14.68
C SER B 94 -25.99 7.11 -14.69
N TYR B 95 -24.99 6.57 -13.99
CA TYR B 95 -24.79 5.13 -13.93
C TYR B 95 -25.89 4.47 -13.12
N ALA B 96 -26.25 5.03 -11.97
CA ALA B 96 -27.29 4.46 -11.13
C ALA B 96 -28.63 4.45 -11.86
N MET B 97 -28.83 5.40 -12.75
CA MET B 97 -30.05 5.47 -13.54
C MET B 97 -30.02 4.34 -14.57
N ILE B 98 -28.91 4.10 -15.25
CA ILE B 98 -28.85 3.00 -16.22
C ILE B 98 -28.95 1.65 -15.53
N ALA B 99 -28.24 1.43 -14.44
CA ALA B 99 -28.32 0.17 -13.73
C ALA B 99 -29.73 -0.04 -13.20
N GLY B 100 -30.33 1.06 -12.77
CA GLY B 100 -31.63 1.02 -12.15
C GLY B 100 -31.45 0.68 -10.68
N ASP B 101 -30.21 0.74 -10.16
CA ASP B 101 -29.97 0.42 -8.76
C ASP B 101 -28.91 1.34 -8.18
N ALA B 102 -29.10 1.73 -6.92
CA ALA B 102 -28.16 2.59 -6.23
C ALA B 102 -26.80 1.97 -5.87
N SER B 103 -26.51 0.68 -6.12
CA SER B 103 -25.25 0.10 -5.67
C SER B 103 -23.97 0.74 -6.19
N VAL B 104 -23.82 1.07 -7.49
CA VAL B 104 -22.58 1.68 -7.97
C VAL B 104 -22.30 3.03 -7.31
N LEU B 105 -23.39 3.76 -7.03
CA LEU B 105 -23.40 5.07 -6.40
C LEU B 105 -22.76 4.98 -5.03
N ASP B 106 -23.30 4.08 -4.22
CA ASP B 106 -22.84 3.85 -2.86
C ASP B 106 -21.45 3.23 -2.80
N ASP B 107 -21.16 2.19 -3.60
CA ASP B 107 -19.86 1.50 -3.64
C ASP B 107 -18.73 2.37 -4.19
N ARG B 108 -18.80 2.74 -5.47
CA ARG B 108 -17.74 3.48 -6.16
C ARG B 108 -17.78 5.01 -5.94
N CYS B 109 -18.66 5.64 -5.14
CA CYS B 109 -18.58 7.10 -4.97
C CYS B 109 -18.90 7.63 -3.58
N LEU B 110 -20.10 7.37 -3.06
CA LEU B 110 -20.57 7.99 -1.82
C LEU B 110 -19.88 7.57 -0.52
N ASN B 111 -19.21 6.42 -0.55
CA ASN B 111 -18.49 5.85 0.57
C ASN B 111 -17.34 6.69 1.12
N GLY B 112 -17.33 7.04 2.41
CA GLY B 112 -16.23 7.79 3.01
C GLY B 112 -16.16 9.26 2.62
N LEU B 113 -17.09 9.72 1.78
CA LEU B 113 -17.04 11.07 1.27
C LEU B 113 -17.19 12.09 2.39
N ARG B 114 -17.80 11.73 3.51
CA ARG B 114 -17.83 12.64 4.64
C ARG B 114 -16.45 12.90 5.22
N GLU B 115 -15.49 12.00 5.57
CA GLU B 115 -14.18 12.50 6.02
C GLU B 115 -13.30 12.90 4.86
N THR B 116 -13.56 12.44 3.62
CA THR B 116 -12.89 12.98 2.45
C THR B 116 -13.13 14.50 2.51
N TYR B 117 -14.33 14.96 2.87
CA TYR B 117 -14.55 16.39 2.99
C TYR B 117 -14.25 16.94 4.39
N GLN B 118 -14.47 16.12 5.42
CA GLN B 118 -14.32 16.57 6.80
C GLN B 118 -12.86 16.79 7.14
N ALA B 119 -11.98 15.86 6.77
CA ALA B 119 -10.55 15.99 6.99
C ALA B 119 -10.00 17.14 6.16
N LEU B 120 -10.51 17.27 4.92
CA LEU B 120 -10.07 18.36 4.07
C LEU B 120 -10.55 19.73 4.52
N GLY B 121 -11.62 19.81 5.31
CA GLY B 121 -12.18 21.10 5.73
C GLY B 121 -13.18 21.64 4.71
N THR B 122 -13.58 20.78 3.76
CA THR B 122 -14.55 21.12 2.72
C THR B 122 -15.98 21.12 3.26
N PRO B 123 -16.77 22.20 3.06
CA PRO B 123 -18.13 22.31 3.55
C PRO B 123 -19.05 21.32 2.84
N GLY B 124 -19.45 20.29 3.60
CA GLY B 124 -20.37 19.25 3.13
C GLY B 124 -21.67 19.88 2.63
N ALA B 125 -22.20 20.85 3.38
CA ALA B 125 -23.42 21.56 3.01
C ALA B 125 -23.34 22.30 1.68
N SER B 126 -22.20 22.89 1.32
CA SER B 126 -22.07 23.57 0.04
C SER B 126 -22.06 22.50 -1.05
N VAL B 127 -21.41 21.37 -0.78
CA VAL B 127 -21.37 20.27 -1.73
C VAL B 127 -22.80 19.78 -1.93
N ALA B 128 -23.58 19.78 -0.84
CA ALA B 128 -24.96 19.38 -0.91
C ALA B 128 -25.77 20.36 -1.76
N VAL B 129 -25.56 21.68 -1.69
CA VAL B 129 -26.29 22.62 -2.53
C VAL B 129 -25.94 22.38 -4.00
N ALA B 130 -24.68 22.09 -4.32
CA ALA B 130 -24.28 21.81 -5.70
C ALA B 130 -25.11 20.68 -6.30
N ILE B 131 -25.27 19.58 -5.55
CA ILE B 131 -26.03 18.43 -6.02
C ILE B 131 -27.51 18.77 -6.18
N GLN B 132 -28.04 19.67 -5.34
CA GLN B 132 -29.42 20.10 -5.44
C GLN B 132 -29.62 20.84 -6.76
N LYS B 133 -28.70 21.77 -7.02
CA LYS B 133 -28.68 22.55 -8.24
C LYS B 133 -28.65 21.62 -9.45
N MET B 134 -27.70 20.67 -9.47
CA MET B 134 -27.57 19.72 -10.58
C MET B 134 -28.81 18.87 -10.77
N LYS B 135 -29.50 18.56 -9.67
CA LYS B 135 -30.74 17.82 -9.74
C LYS B 135 -31.82 18.64 -10.44
N ASP B 136 -32.02 19.90 -10.03
CA ASP B 136 -33.01 20.79 -10.61
C ASP B 136 -32.81 20.94 -12.10
N ALA B 137 -31.53 21.14 -12.46
CA ALA B 137 -31.13 21.30 -13.85
C ALA B 137 -31.39 20.06 -14.69
N ALA B 138 -31.06 18.89 -14.14
CA ALA B 138 -31.22 17.65 -14.85
C ALA B 138 -32.68 17.20 -14.93
N LEU B 139 -33.57 17.43 -13.94
CA LEU B 139 -34.99 17.08 -14.04
C LEU B 139 -35.71 17.90 -15.09
N ALA B 140 -35.25 19.15 -15.22
CA ALA B 140 -35.78 20.07 -16.23
C ALA B 140 -35.47 19.54 -17.62
N LEU B 141 -34.19 19.24 -17.86
CA LEU B 141 -33.73 18.74 -19.14
C LEU B 141 -34.36 17.42 -19.52
N VAL B 142 -34.58 16.51 -18.57
CA VAL B 142 -35.15 15.21 -18.88
C VAL B 142 -36.54 15.35 -19.46
N ASN B 143 -37.24 16.44 -19.13
CA ASN B 143 -38.54 16.67 -19.72
C ASN B 143 -38.61 17.44 -21.02
N ASP B 144 -37.54 17.94 -21.58
CA ASP B 144 -37.57 18.64 -22.87
C ASP B 144 -37.79 17.68 -24.05
N THR B 145 -38.76 18.05 -24.96
CA THR B 145 -39.00 17.25 -26.19
C THR B 145 -38.50 18.00 -27.44
N THR B 146 -37.95 17.17 -28.28
CA THR B 146 -37.40 17.60 -29.54
C THR B 146 -36.33 16.58 -29.96
N GLY B 147 -36.82 15.64 -30.76
CA GLY B 147 -36.01 14.51 -31.25
C GLY B 147 -36.38 13.25 -30.48
N THR B 148 -37.23 13.32 -29.43
CA THR B 148 -37.65 12.17 -28.64
C THR B 148 -39.19 12.18 -28.66
N PRO B 149 -39.92 11.07 -28.56
CA PRO B 149 -41.37 11.01 -28.58
C PRO B 149 -42.01 11.39 -27.26
N ALA B 150 -43.08 12.17 -27.26
CA ALA B 150 -43.74 12.57 -26.02
C ALA B 150 -44.53 11.45 -25.34
N GLY B 151 -44.51 11.41 -24.01
CA GLY B 151 -45.20 10.41 -23.21
C GLY B 151 -45.06 10.73 -21.72
N ASP B 152 -45.29 9.79 -20.80
CA ASP B 152 -45.17 10.06 -19.37
C ASP B 152 -43.84 9.57 -18.76
N CYS B 153 -42.95 10.45 -18.30
CA CYS B 153 -41.69 10.01 -17.69
C CYS B 153 -41.63 10.28 -16.19
N ALA B 154 -42.78 10.54 -15.55
CA ALA B 154 -42.85 10.83 -14.11
C ALA B 154 -42.16 9.81 -13.22
N SER B 155 -42.33 8.54 -13.58
CA SER B 155 -41.67 7.41 -12.93
C SER B 155 -40.15 7.58 -12.85
N LEU B 156 -39.52 7.73 -14.02
CA LEU B 156 -38.08 7.91 -14.15
C LEU B 156 -37.58 9.17 -13.46
N VAL B 157 -38.35 10.25 -13.46
CA VAL B 157 -37.95 11.51 -12.82
C VAL B 157 -37.91 11.32 -11.30
N ALA B 158 -38.85 10.57 -10.70
CA ALA B 158 -38.81 10.29 -9.27
C ALA B 158 -37.61 9.42 -8.95
N GLU B 159 -37.25 8.54 -9.90
CA GLU B 159 -36.08 7.72 -9.75
C GLU B 159 -34.82 8.58 -9.78
N ILE B 160 -34.54 9.47 -10.77
CA ILE B 160 -33.31 10.28 -10.77
C ILE B 160 -33.31 11.18 -9.54
N ALA B 161 -34.47 11.68 -9.12
CA ALA B 161 -34.54 12.55 -7.96
C ALA B 161 -34.02 11.84 -6.70
N THR B 162 -34.35 10.56 -6.51
CA THR B 162 -33.85 9.77 -5.38
C THR B 162 -32.34 9.61 -5.44
N TYR B 163 -31.81 9.28 -6.61
CA TYR B 163 -30.38 9.10 -6.78
C TYR B 163 -29.62 10.38 -6.47
N PHE B 164 -30.18 11.53 -6.82
CA PHE B 164 -29.52 12.79 -6.52
C PHE B 164 -29.51 13.05 -5.02
N ASP B 165 -30.66 12.87 -4.36
CA ASP B 165 -30.76 13.06 -2.93
C ASP B 165 -29.87 12.12 -2.14
N ARG B 166 -29.68 10.91 -2.67
CA ARG B 166 -28.82 9.88 -2.10
C ARG B 166 -27.38 10.41 -1.98
N ALA B 167 -26.90 10.97 -3.09
CA ALA B 167 -25.58 11.57 -3.20
C ALA B 167 -25.40 12.77 -2.29
N ALA B 168 -26.39 13.66 -2.32
CA ALA B 168 -26.45 14.88 -1.51
C ALA B 168 -26.48 14.61 -0.02
N ALA B 169 -27.11 13.51 0.34
CA ALA B 169 -27.23 13.14 1.73
C ALA B 169 -25.92 12.59 2.27
N ALA B 170 -25.21 11.80 1.45
CA ALA B 170 -23.97 11.13 1.85
C ALA B 170 -22.75 11.99 2.18
N VAL B 171 -22.78 13.22 1.74
CA VAL B 171 -21.65 14.11 1.92
C VAL B 171 -21.79 15.08 3.09
N ALA B 172 -23.05 15.32 3.48
CA ALA B 172 -23.43 16.27 4.50
C ALA B 172 -23.13 15.88 5.94
N MET C 1 16.21 -16.54 11.30
CA MET C 1 17.40 -16.39 10.49
C MET C 1 17.41 -17.51 9.49
N LYS C 2 18.32 -17.50 8.51
CA LYS C 2 18.39 -18.61 7.57
C LYS C 2 19.15 -19.74 8.25
N THR C 3 18.51 -20.88 8.32
CA THR C 3 19.20 -22.10 8.71
C THR C 3 18.83 -23.06 7.57
N PRO C 4 19.36 -24.29 7.35
CA PRO C 4 18.90 -25.21 6.31
C PRO C 4 17.40 -25.48 6.39
N LEU C 5 16.88 -25.56 7.62
CA LEU C 5 15.48 -25.91 7.80
C LEU C 5 14.56 -24.75 7.44
N THR C 6 14.83 -23.53 7.88
CA THR C 6 13.97 -22.40 7.55
C THR C 6 14.10 -22.10 6.07
N GLU C 7 15.27 -22.36 5.48
CA GLU C 7 15.43 -22.15 4.07
C GLU C 7 14.58 -23.14 3.29
N ALA C 8 14.49 -24.41 3.72
CA ALA C 8 13.64 -25.39 3.09
C ALA C 8 12.17 -25.03 3.21
N ILE C 9 11.73 -24.54 4.38
CA ILE C 9 10.35 -24.16 4.60
C ILE C 9 10.03 -22.98 3.71
N ALA C 10 10.88 -21.96 3.68
CA ALA C 10 10.64 -20.78 2.86
C ALA C 10 10.55 -21.12 1.37
N ALA C 11 11.41 -22.00 0.83
CA ALA C 11 11.30 -22.41 -0.56
C ALA C 11 9.94 -23.04 -0.88
N ALA C 12 9.43 -23.98 -0.08
CA ALA C 12 8.14 -24.60 -0.37
C ALA C 12 6.99 -23.61 -0.19
N ASP C 13 7.10 -22.80 0.86
CA ASP C 13 6.07 -21.82 1.17
C ASP C 13 5.97 -20.76 0.09
N SER C 14 7.06 -20.40 -0.58
CA SER C 14 6.93 -19.40 -1.61
C SER C 14 6.23 -20.01 -2.81
N GLN C 15 6.26 -21.34 -2.98
CA GLN C 15 5.54 -21.94 -4.08
C GLN C 15 4.16 -22.41 -3.67
N GLY C 16 3.77 -22.25 -2.41
CA GLY C 16 2.47 -22.67 -1.92
C GLY C 16 2.36 -24.19 -2.00
N ARG C 17 3.42 -24.82 -1.54
CA ARG C 17 3.56 -26.25 -1.71
C ARG C 17 3.99 -26.90 -0.40
N PHE C 18 3.73 -28.18 -0.19
CA PHE C 18 4.28 -28.91 0.95
C PHE C 18 5.76 -29.20 0.66
N LEU C 19 6.64 -29.50 1.62
CA LEU C 19 8.01 -29.90 1.32
C LEU C 19 8.02 -31.13 0.40
N SER C 20 8.97 -31.26 -0.51
CA SER C 20 9.03 -32.46 -1.31
C SER C 20 10.20 -33.27 -0.82
N ASN C 21 10.50 -34.35 -1.54
CA ASN C 21 11.59 -35.22 -1.14
C ASN C 21 12.95 -34.54 -1.22
N THR C 22 13.02 -33.52 -2.09
CA THR C 22 14.19 -32.70 -2.28
C THR C 22 14.58 -32.03 -0.97
N GLU C 23 13.62 -31.43 -0.27
CA GLU C 23 13.90 -30.74 0.97
C GLU C 23 14.16 -31.68 2.11
N LEU C 24 13.54 -32.85 2.07
CA LEU C 24 13.76 -33.82 3.12
C LEU C 24 15.19 -34.33 3.05
N GLN C 25 15.70 -34.50 1.83
CA GLN C 25 17.10 -34.88 1.61
C GLN C 25 18.04 -33.81 2.14
N VAL C 26 17.67 -32.57 1.84
CA VAL C 26 18.36 -31.37 2.27
C VAL C 26 18.51 -31.39 3.80
N VAL C 27 17.40 -31.45 4.52
CA VAL C 27 17.39 -31.46 5.98
C VAL C 27 18.19 -32.66 6.49
N ASN C 28 18.08 -33.84 5.87
CA ASN C 28 18.86 -35.00 6.26
C ASN C 28 20.37 -34.73 6.23
N GLY C 29 20.85 -34.08 5.17
CA GLY C 29 22.25 -33.68 5.07
C GLY C 29 22.67 -32.83 6.25
N ARG C 30 21.76 -32.01 6.81
CA ARG C 30 22.06 -31.21 7.98
C ARG C 30 22.13 -32.17 9.16
N TYR C 31 21.18 -33.07 9.39
CA TYR C 31 21.29 -33.97 10.53
C TYR C 31 22.56 -34.83 10.48
N ASN C 32 23.02 -35.20 9.29
CA ASN C 32 24.29 -35.88 9.11
C ASN C 32 25.51 -35.12 9.60
N ARG C 33 25.64 -33.85 9.18
CA ARG C 33 26.77 -33.02 9.55
C ARG C 33 26.71 -32.55 10.99
N ALA C 34 25.49 -32.37 11.51
CA ALA C 34 25.30 -31.73 12.80
C ALA C 34 26.06 -32.33 13.96
N THR C 35 26.50 -33.58 13.87
CA THR C 35 27.25 -34.14 14.97
C THR C 35 28.65 -33.53 14.97
N SER C 36 29.28 -33.35 13.82
CA SER C 36 30.57 -32.68 13.74
C SER C 36 30.46 -31.23 14.20
N SER C 37 29.40 -30.53 13.80
CA SER C 37 29.21 -29.13 14.14
C SER C 37 29.08 -28.88 15.64
N LEU C 38 28.20 -29.58 16.34
CA LEU C 38 28.03 -29.41 17.79
C LEU C 38 29.28 -29.78 18.56
N GLU C 39 30.07 -30.76 18.09
CA GLU C 39 31.30 -31.11 18.76
C GLU C 39 32.31 -29.96 18.62
N ALA C 40 32.40 -29.37 17.42
CA ALA C 40 33.25 -28.22 17.15
C ALA C 40 32.87 -27.09 18.08
N ALA C 41 31.57 -26.87 18.26
CA ALA C 41 31.07 -25.84 19.16
C ALA C 41 31.43 -26.15 20.62
N LYS C 42 31.36 -27.38 21.13
CA LYS C 42 31.74 -27.69 22.50
C LYS C 42 33.20 -27.36 22.81
N ALA C 43 34.14 -27.81 21.97
CA ALA C 43 35.55 -27.57 22.22
C ALA C 43 35.82 -26.08 22.04
N LEU C 44 35.21 -25.39 21.06
CA LEU C 44 35.40 -23.95 20.90
C LEU C 44 34.87 -23.13 22.06
N THR C 45 33.72 -23.52 22.61
CA THR C 45 33.22 -22.84 23.79
C THR C 45 34.12 -23.15 24.99
N ALA C 46 34.52 -24.40 25.22
CA ALA C 46 35.37 -24.72 26.36
C ALA C 46 36.74 -24.03 26.28
N ASN C 47 37.29 -23.69 25.12
CA ASN C 47 38.58 -23.02 25.10
C ASN C 47 38.45 -21.55 24.74
N ALA C 48 37.25 -20.99 24.92
CA ALA C 48 36.97 -19.62 24.54
C ALA C 48 37.94 -18.61 25.11
N ASP C 49 38.25 -18.61 26.41
CA ASP C 49 39.06 -17.51 26.92
C ASP C 49 40.52 -17.59 26.49
N ARG C 50 41.01 -18.80 26.35
CA ARG C 50 42.34 -19.04 25.87
C ARG C 50 42.43 -18.58 24.41
N LEU C 51 41.44 -18.90 23.57
CA LEU C 51 41.47 -18.52 22.16
C LEU C 51 41.30 -17.01 21.99
N ILE C 52 40.51 -16.36 22.84
CA ILE C 52 40.31 -14.91 22.78
C ILE C 52 41.59 -14.20 23.22
N SER C 53 42.18 -14.55 24.38
CA SER C 53 43.42 -13.96 24.85
C SER C 53 44.58 -14.09 23.87
N GLY C 54 44.75 -15.31 23.34
CA GLY C 54 45.82 -15.61 22.42
C GLY C 54 45.64 -14.87 21.10
N ALA C 55 44.40 -14.76 20.63
CA ALA C 55 44.09 -14.07 19.39
C ALA C 55 44.38 -12.58 19.50
N ALA C 56 43.95 -11.94 20.59
CA ALA C 56 44.27 -10.54 20.84
C ALA C 56 45.79 -10.36 20.89
N ASN C 57 46.49 -11.23 21.63
CA ASN C 57 47.95 -11.17 21.70
C ASN C 57 48.56 -11.28 20.30
N ALA C 58 48.07 -12.22 19.49
CA ALA C 58 48.53 -12.34 18.11
C ALA C 58 48.30 -11.09 17.27
N VAL C 59 47.19 -10.27 17.41
CA VAL C 59 47.17 -9.11 16.50
C VAL C 59 48.11 -8.05 17.05
N TYR C 60 48.35 -7.95 18.40
CA TYR C 60 49.28 -6.97 18.94
C TYR C 60 50.72 -7.33 18.58
N SER C 61 51.01 -8.62 18.34
CA SER C 61 52.32 -9.01 17.86
C SER C 61 52.46 -8.66 16.38
N LYS C 62 51.44 -8.86 15.53
CA LYS C 62 51.61 -8.56 14.12
C LYS C 62 51.52 -7.06 13.87
N PHE C 63 50.76 -6.33 14.69
CA PHE C 63 50.57 -4.90 14.54
C PHE C 63 50.95 -4.12 15.80
N PRO C 64 52.21 -4.02 16.23
CA PRO C 64 52.63 -3.34 17.45
C PRO C 64 52.10 -1.92 17.66
N TYR C 65 51.87 -1.16 16.57
CA TYR C 65 51.40 0.21 16.68
C TYR C 65 50.05 0.37 17.38
N THR C 66 49.27 -0.69 17.33
CA THR C 66 47.95 -0.76 17.92
C THR C 66 47.95 -0.52 19.44
N THR C 67 49.10 -0.72 20.06
CA THR C 67 49.18 -0.53 21.49
C THR C 67 50.00 0.70 21.84
N GLN C 68 50.43 1.47 20.86
CA GLN C 68 51.23 2.65 21.17
C GLN C 68 50.59 3.88 20.57
N MET C 69 49.72 3.75 19.57
CA MET C 69 49.20 4.94 18.95
C MET C 69 48.08 5.44 19.84
N PRO C 70 48.04 6.75 20.17
CA PRO C 70 47.06 7.32 21.07
C PRO C 70 45.71 7.44 20.41
N GLY C 71 44.64 7.39 21.18
CA GLY C 71 43.34 7.57 20.58
C GLY C 71 42.38 6.45 20.93
N PRO C 72 41.06 6.71 20.83
CA PRO C 72 40.03 5.81 21.32
C PRO C 72 39.99 4.54 20.50
N ASN C 73 40.46 4.54 19.25
CA ASN C 73 40.26 3.33 18.49
C ASN C 73 41.42 2.36 18.43
N TYR C 74 42.44 2.60 19.25
CA TYR C 74 43.56 1.70 19.38
C TYR C 74 43.54 0.99 20.74
N SER C 75 44.35 -0.05 20.88
CA SER C 75 44.49 -0.83 22.12
C SER C 75 45.59 -0.27 23.01
N SER C 76 45.80 1.03 22.89
CA SER C 76 46.80 1.70 23.68
C SER C 76 46.29 1.89 25.10
N THR C 77 44.96 1.92 25.26
CA THR C 77 44.34 2.06 26.56
C THR C 77 43.89 0.73 27.11
N ALA C 78 43.57 0.74 28.40
CA ALA C 78 42.98 -0.41 29.05
C ALA C 78 41.57 -0.62 28.52
N ILE C 79 40.84 0.47 28.23
CA ILE C 79 39.54 0.33 27.61
C ILE C 79 39.77 -0.10 26.17
N GLY C 80 40.81 0.39 25.49
CA GLY C 80 41.08 0.01 24.11
C GLY C 80 41.26 -1.49 24.03
N LYS C 81 42.02 -2.01 24.97
CA LYS C 81 42.26 -3.43 25.10
C LYS C 81 41.03 -4.25 25.46
N ALA C 82 40.14 -3.79 26.34
CA ALA C 82 38.95 -4.55 26.69
C ALA C 82 37.95 -4.59 25.54
N LYS C 83 37.87 -3.50 24.78
CA LYS C 83 36.99 -3.46 23.63
C LYS C 83 37.50 -4.38 22.54
N CYS C 84 38.81 -4.42 22.32
CA CYS C 84 39.37 -5.30 21.30
C CYS C 84 39.15 -6.78 21.63
N ALA C 85 39.49 -7.25 22.84
CA ALA C 85 39.23 -8.64 23.21
C ALA C 85 37.73 -8.94 23.16
N ARG C 86 36.85 -8.01 23.54
CA ARG C 86 35.41 -8.18 23.41
C ARG C 86 34.98 -8.44 21.97
N ASP C 87 35.45 -7.64 21.02
CA ASP C 87 35.11 -7.83 19.63
C ASP C 87 35.63 -9.17 19.12
N ILE C 88 36.77 -9.67 19.62
CA ILE C 88 37.26 -10.97 19.15
C ILE C 88 36.36 -12.06 19.72
N GLY C 89 35.82 -11.86 20.93
CA GLY C 89 34.91 -12.83 21.52
C GLY C 89 33.61 -12.91 20.73
N TYR C 90 33.13 -11.79 20.20
CA TYR C 90 31.96 -11.76 19.33
C TYR C 90 32.15 -12.63 18.11
N TYR C 91 33.28 -12.51 17.43
CA TYR C 91 33.58 -13.36 16.29
C TYR C 91 33.59 -14.82 16.71
N LEU C 92 34.18 -15.21 17.84
CA LEU C 92 34.16 -16.62 18.22
C LEU C 92 32.76 -17.12 18.60
N ARG C 93 32.00 -16.33 19.35
CA ARG C 93 30.67 -16.68 19.79
C ARG C 93 29.75 -16.82 18.60
N MET C 94 29.78 -15.89 17.63
CA MET C 94 28.95 -16.02 16.45
C MET C 94 29.32 -17.27 15.67
N VAL C 95 30.61 -17.66 15.57
CA VAL C 95 30.99 -18.88 14.86
C VAL C 95 30.40 -20.13 15.53
N THR C 96 30.26 -20.19 16.87
CA THR C 96 29.67 -21.36 17.51
C THR C 96 28.18 -21.39 17.21
N TYR C 97 27.52 -20.23 17.09
CA TYR C 97 26.12 -20.20 16.71
C TYR C 97 25.97 -20.70 15.28
N CYS C 98 26.86 -20.38 14.33
CA CYS C 98 26.75 -20.90 12.98
C CYS C 98 26.85 -22.42 12.98
N LEU C 99 27.78 -22.93 13.81
CA LEU C 99 27.95 -24.34 14.01
C LEU C 99 26.66 -24.99 14.52
N VAL C 100 26.08 -24.45 15.58
CA VAL C 100 24.83 -24.98 16.11
C VAL C 100 23.66 -24.99 15.13
N VAL C 101 23.46 -23.98 14.27
CA VAL C 101 22.31 -24.01 13.37
C VAL C 101 22.66 -24.57 11.99
N GLY C 102 23.92 -24.70 11.61
CA GLY C 102 24.28 -25.24 10.31
C GLY C 102 24.16 -24.24 9.17
N GLY C 103 24.14 -22.94 9.42
CA GLY C 103 24.05 -21.90 8.41
C GLY C 103 24.87 -20.69 8.88
N THR C 104 25.21 -19.73 8.02
CA THR C 104 25.93 -18.52 8.44
C THR C 104 24.96 -17.46 8.97
N GLY C 105 23.68 -17.80 9.00
CA GLY C 105 22.60 -16.93 9.43
C GLY C 105 22.91 -16.10 10.65
N PRO C 106 23.21 -16.61 11.85
CA PRO C 106 23.40 -15.79 13.02
C PRO C 106 24.55 -14.79 12.87
N MET C 107 25.67 -15.16 12.25
CA MET C 107 26.76 -14.20 12.02
C MET C 107 26.34 -13.15 10.99
N ASP C 108 25.57 -13.53 9.98
CA ASP C 108 25.03 -12.57 9.03
C ASP C 108 24.09 -11.55 9.64
N ASP C 109 23.19 -12.01 10.51
CA ASP C 109 22.18 -11.19 11.17
C ASP C 109 22.79 -10.33 12.27
N TYR C 110 23.57 -10.95 13.16
CA TYR C 110 24.13 -10.23 14.28
C TYR C 110 25.47 -9.55 14.05
N LEU C 111 26.21 -9.82 12.97
CA LEU C 111 27.52 -9.20 12.84
C LEU C 111 27.85 -8.66 11.46
N VAL C 112 27.59 -9.35 10.35
CA VAL C 112 27.97 -8.86 9.04
C VAL C 112 27.09 -7.69 8.60
N ALA C 113 25.78 -7.76 8.80
CA ALA C 113 24.90 -6.66 8.43
C ALA C 113 25.19 -5.41 9.25
N GLY C 114 25.74 -4.44 8.54
CA GLY C 114 26.12 -3.16 9.12
C GLY C 114 27.60 -3.07 9.45
N LEU C 115 28.42 -4.11 9.27
CA LEU C 115 29.83 -4.10 9.63
C LEU C 115 30.64 -3.07 8.85
N GLU C 116 30.48 -2.93 7.53
CA GLU C 116 31.24 -1.96 6.74
C GLU C 116 31.15 -0.53 7.28
N GLU C 117 29.93 -0.10 7.64
CA GLU C 117 29.68 1.22 8.18
C GLU C 117 30.37 1.41 9.52
N ILE C 118 30.21 0.51 10.49
CA ILE C 118 30.84 0.76 11.79
C ILE C 118 32.36 0.76 11.68
N ASN C 119 32.98 -0.08 10.84
CA ASN C 119 34.43 -0.13 10.75
C ASN C 119 34.97 1.11 10.08
N ARG C 120 34.20 1.63 9.13
CA ARG C 120 34.58 2.85 8.44
C ARG C 120 34.51 4.01 9.41
N THR C 121 33.36 4.14 10.07
CA THR C 121 33.16 5.28 10.93
C THR C 121 34.09 5.25 12.16
N PHE C 122 34.35 4.10 12.78
CA PHE C 122 35.23 4.05 13.93
C PHE C 122 36.68 3.79 13.56
N GLU C 123 37.00 3.69 12.27
CA GLU C 123 38.36 3.50 11.77
C GLU C 123 39.08 2.25 12.27
N LEU C 124 38.31 1.16 12.26
CA LEU C 124 38.76 -0.16 12.66
C LEU C 124 39.20 -0.91 11.41
N SER C 125 40.40 -1.44 11.34
CA SER C 125 40.87 -2.15 10.16
C SER C 125 40.46 -3.62 10.15
N PRO C 126 39.90 -4.13 9.03
CA PRO C 126 39.60 -5.53 8.84
C PRO C 126 40.80 -6.45 9.02
N SER C 127 41.99 -5.98 8.63
CA SER C 127 43.22 -6.74 8.76
C SER C 127 43.50 -7.22 10.17
N TRP C 128 43.17 -6.37 11.13
CA TRP C 128 43.38 -6.73 12.53
C TRP C 128 42.52 -7.95 12.88
N TYR C 129 41.27 -7.94 12.42
CA TYR C 129 40.39 -9.04 12.76
C TYR C 129 40.73 -10.26 11.93
N ILE C 130 41.16 -10.15 10.66
CA ILE C 130 41.61 -11.32 9.92
C ILE C 130 42.77 -11.99 10.68
N GLU C 131 43.69 -11.26 11.29
CA GLU C 131 44.78 -11.87 12.04
C GLU C 131 44.30 -12.65 13.26
N ALA C 132 43.24 -12.19 13.92
CA ALA C 132 42.68 -12.89 15.06
C ALA C 132 41.96 -14.19 14.66
N LEU C 133 41.21 -14.21 13.56
CA LEU C 133 40.48 -15.39 13.09
C LEU C 133 41.47 -16.46 12.65
N LYS C 134 42.55 -16.03 11.99
CA LYS C 134 43.60 -16.94 11.58
C LYS C 134 44.22 -17.59 12.80
N TYR C 135 44.44 -16.85 13.90
CA TYR C 135 45.04 -17.44 15.07
C TYR C 135 44.13 -18.53 15.59
N ILE C 136 42.83 -18.29 15.72
CA ILE C 136 41.88 -19.27 16.23
C ILE C 136 41.87 -20.52 15.34
N LYS C 137 41.87 -20.30 14.01
CA LYS C 137 41.90 -21.37 13.04
C LYS C 137 43.10 -22.28 13.23
N ASN C 138 44.22 -21.62 13.51
CA ASN C 138 45.49 -22.29 13.59
C ASN C 138 45.77 -23.03 14.86
N ASN C 139 44.96 -22.79 15.87
CA ASN C 139 45.27 -23.45 17.10
C ASN C 139 44.06 -23.86 17.94
N HIS C 140 42.88 -24.07 17.37
CA HIS C 140 41.72 -24.48 18.18
C HIS C 140 41.83 -25.94 18.61
N GLY C 141 42.71 -26.75 18.00
CA GLY C 141 43.01 -28.10 18.46
C GLY C 141 42.15 -29.23 17.90
N LEU C 142 41.28 -28.92 16.95
CA LEU C 142 40.35 -29.90 16.40
C LEU C 142 40.96 -30.69 15.23
N SER C 143 40.34 -31.81 14.85
CA SER C 143 40.79 -32.68 13.78
C SER C 143 39.62 -33.10 12.90
N GLY C 144 39.97 -33.59 11.71
CA GLY C 144 39.04 -34.17 10.77
C GLY C 144 37.84 -33.30 10.47
N ASP C 145 36.66 -33.88 10.37
CA ASP C 145 35.55 -33.05 9.94
C ASP C 145 35.01 -32.14 11.01
N VAL C 146 35.38 -32.35 12.27
CA VAL C 146 35.03 -31.39 13.29
C VAL C 146 35.87 -30.14 12.97
N ALA C 147 37.16 -30.31 12.67
CA ALA C 147 37.99 -29.17 12.30
C ALA C 147 37.50 -28.53 11.02
N ASN C 148 37.07 -29.36 10.08
CA ASN C 148 36.64 -28.87 8.79
C ASN C 148 35.43 -27.99 9.01
N GLU C 149 34.46 -28.33 9.88
CA GLU C 149 33.34 -27.45 10.17
C GLU C 149 33.71 -26.11 10.81
N ALA C 150 34.59 -26.11 11.82
CA ALA C 150 35.04 -24.87 12.46
C ALA C 150 35.64 -23.92 11.42
N ASN C 151 36.58 -24.49 10.68
CA ASN C 151 37.31 -23.78 9.66
C ASN C 151 36.47 -23.18 8.57
N THR C 152 35.35 -23.81 8.22
CA THR C 152 34.52 -23.26 7.17
C THR C 152 33.88 -21.95 7.63
N TYR C 153 33.46 -21.85 8.88
CA TYR C 153 32.85 -20.61 9.33
C TYR C 153 33.88 -19.57 9.71
N ILE C 154 35.08 -19.97 10.15
CA ILE C 154 36.08 -18.95 10.43
C ILE C 154 36.55 -18.42 9.08
N ASP C 155 36.59 -19.25 8.03
CA ASP C 155 36.98 -18.76 6.71
C ASP C 155 35.96 -17.86 6.05
N TYR C 156 34.69 -18.05 6.41
CA TYR C 156 33.62 -17.20 5.95
C TYR C 156 33.81 -15.79 6.51
N ALA C 157 34.10 -15.67 7.81
CA ALA C 157 34.34 -14.37 8.41
C ALA C 157 35.52 -13.67 7.73
N ILE C 158 36.66 -14.34 7.53
CA ILE C 158 37.79 -13.77 6.77
C ILE C 158 37.34 -13.28 5.39
N ASN C 159 36.49 -14.01 4.66
CA ASN C 159 36.08 -13.54 3.34
C ASN C 159 35.13 -12.36 3.39
N THR C 160 34.34 -12.19 4.47
CA THR C 160 33.50 -11.01 4.65
C THR C 160 34.36 -9.75 4.80
N LEU C 161 35.56 -9.85 5.41
CA LEU C 161 36.47 -8.74 5.61
C LEU C 161 37.50 -8.57 4.48
N SER C 162 37.32 -9.45 3.48
CA SER C 162 38.15 -9.80 2.34
C SER C 162 39.47 -10.47 2.73
N MET D 1 10.95 -16.51 10.98
CA MET D 1 10.80 -17.90 11.31
C MET D 1 12.12 -18.32 11.93
N LEU D 2 11.93 -19.19 12.91
CA LEU D 2 12.96 -19.77 13.74
C LEU D 2 12.73 -21.29 13.76
N ASP D 3 13.76 -22.12 13.81
CA ASP D 3 13.51 -23.52 14.06
C ASP D 3 13.92 -23.79 15.50
N ALA D 4 13.95 -25.03 15.98
CA ALA D 4 14.34 -25.30 17.35
C ALA D 4 15.77 -24.88 17.67
N PHE D 5 16.70 -24.87 16.71
CA PHE D 5 18.10 -24.52 16.97
C PHE D 5 18.34 -23.01 17.03
N ALA D 6 17.75 -22.24 16.12
CA ALA D 6 17.91 -20.80 16.08
C ALA D 6 17.21 -20.09 17.24
N LYS D 7 16.18 -20.71 17.80
CA LYS D 7 15.47 -20.16 18.93
C LYS D 7 16.37 -20.08 20.16
N VAL D 8 17.11 -21.16 20.44
CA VAL D 8 18.04 -21.20 21.55
C VAL D 8 19.15 -20.17 21.34
N VAL D 9 19.62 -20.06 20.10
CA VAL D 9 20.71 -19.17 19.78
C VAL D 9 20.30 -17.72 19.92
N ALA D 10 19.09 -17.35 19.54
CA ALA D 10 18.65 -15.98 19.70
C ALA D 10 18.50 -15.61 21.17
N GLN D 11 18.19 -16.57 22.05
CA GLN D 11 18.09 -16.26 23.46
C GLN D 11 19.47 -16.06 24.07
N ALA D 12 20.43 -16.87 23.65
CA ALA D 12 21.80 -16.76 24.14
C ALA D 12 22.39 -15.44 23.72
N ASP D 13 22.20 -15.01 22.48
CA ASP D 13 22.75 -13.74 22.02
C ASP D 13 22.21 -12.59 22.86
N ALA D 14 20.91 -12.60 23.12
CA ALA D 14 20.33 -11.55 23.94
C ALA D 14 20.94 -11.49 25.35
N ARG D 15 21.49 -12.59 25.86
CA ARG D 15 22.16 -12.62 27.15
C ARG D 15 23.68 -12.48 26.95
N GLY D 16 24.18 -12.59 25.71
CA GLY D 16 25.60 -12.50 25.41
C GLY D 16 26.34 -13.77 25.81
N GLU D 17 25.68 -14.91 25.78
CA GLU D 17 26.28 -16.14 26.26
C GLU D 17 26.54 -17.19 25.20
N PHE D 18 27.57 -18.00 25.41
CA PHE D 18 27.75 -19.19 24.59
C PHE D 18 26.74 -20.21 25.11
N LEU D 19 26.25 -21.15 24.30
CA LEU D 19 25.32 -22.16 24.78
C LEU D 19 25.97 -23.13 25.76
N SER D 20 25.20 -23.66 26.72
CA SER D 20 25.73 -24.57 27.72
C SER D 20 25.80 -26.00 27.19
N ASN D 21 26.47 -26.88 27.93
CA ASN D 21 26.53 -28.29 27.54
C ASN D 21 25.15 -28.88 27.62
N THR D 22 24.34 -28.45 28.58
CA THR D 22 22.96 -28.90 28.67
C THR D 22 22.25 -28.54 27.37
N GLN D 23 22.31 -27.28 26.95
CA GLN D 23 21.66 -26.86 25.74
C GLN D 23 22.14 -27.60 24.50
N ILE D 24 23.46 -27.80 24.42
CA ILE D 24 24.05 -28.50 23.31
C ILE D 24 23.49 -29.93 23.33
N ASP D 25 23.54 -30.61 24.47
CA ASP D 25 23.04 -31.97 24.63
C ASP D 25 21.56 -32.08 24.27
N ALA D 26 20.73 -31.11 24.65
CA ALA D 26 19.32 -31.10 24.31
C ALA D 26 19.09 -31.02 22.81
N LEU D 27 19.94 -30.28 22.11
CA LEU D 27 19.82 -30.16 20.67
C LEU D 27 20.33 -31.43 19.99
N LEU D 28 21.35 -32.12 20.53
CA LEU D 28 21.79 -33.41 20.00
C LEU D 28 20.65 -34.43 20.00
N ALA D 29 19.77 -34.41 21.01
CA ALA D 29 18.60 -35.27 21.07
C ALA D 29 17.64 -35.04 19.91
N ILE D 30 17.43 -33.81 19.42
CA ILE D 30 16.55 -33.57 18.29
C ILE D 30 17.18 -34.17 17.05
N VAL D 31 18.49 -34.01 16.91
CA VAL D 31 19.22 -34.57 15.79
C VAL D 31 19.08 -36.09 15.82
N SER D 32 19.17 -36.77 16.98
CA SER D 32 19.00 -38.22 17.06
C SER D 32 17.64 -38.71 16.58
N GLU D 33 16.58 -37.92 16.76
CA GLU D 33 15.28 -38.35 16.30
C GLU D 33 14.94 -37.94 14.88
N GLY D 34 15.90 -37.25 14.26
CA GLY D 34 15.78 -36.69 12.93
C GLY D 34 15.12 -37.59 11.90
N ASN D 35 15.50 -38.87 11.83
CA ASN D 35 14.91 -39.76 10.85
C ASN D 35 13.44 -40.07 11.09
N LYS D 36 13.05 -40.23 12.35
CA LYS D 36 11.65 -40.42 12.70
C LYS D 36 10.84 -39.19 12.31
N ARG D 37 11.40 -38.01 12.55
CA ARG D 37 10.77 -36.75 12.21
C ARG D 37 10.53 -36.60 10.71
N LEU D 38 11.52 -36.94 9.89
CA LEU D 38 11.36 -36.89 8.46
C LEU D 38 10.28 -37.89 8.03
N ASP D 39 10.13 -39.04 8.69
CA ASP D 39 9.07 -39.97 8.31
C ASP D 39 7.67 -39.44 8.63
N VAL D 40 7.51 -38.77 9.77
CA VAL D 40 6.25 -38.18 10.18
C VAL D 40 5.77 -37.19 9.12
N VAL D 41 6.67 -36.26 8.76
CA VAL D 41 6.39 -35.23 7.78
C VAL D 41 6.16 -35.89 6.42
N ASN D 42 6.95 -36.86 5.97
CA ASN D 42 6.68 -37.48 4.67
C ASN D 42 5.33 -38.18 4.64
N LYS D 43 4.84 -38.73 5.74
CA LYS D 43 3.52 -39.35 5.80
C LYS D 43 2.44 -38.31 5.56
N ILE D 44 2.58 -37.11 6.11
CA ILE D 44 1.60 -36.06 5.90
C ILE D 44 1.70 -35.58 4.47
N THR D 45 2.90 -35.24 4.02
CA THR D 45 3.20 -34.79 2.66
C THR D 45 2.64 -35.82 1.64
N ASN D 46 2.76 -37.11 1.91
CA ASN D 46 2.30 -38.16 1.01
C ASN D 46 0.81 -38.42 0.93
N ASN D 47 0.05 -37.97 1.93
CA ASN D 47 -1.38 -38.22 2.05
C ASN D 47 -2.17 -36.94 2.16
N ALA D 48 -1.55 -35.82 1.79
CA ALA D 48 -2.15 -34.52 1.97
C ALA D 48 -3.51 -34.25 1.33
N SER D 49 -3.80 -34.73 0.10
CA SER D 49 -5.10 -34.51 -0.54
C SER D 49 -6.19 -35.29 0.17
N ALA D 50 -5.86 -36.53 0.56
CA ALA D 50 -6.77 -37.43 1.25
C ALA D 50 -7.11 -36.86 2.61
N ILE D 51 -6.09 -36.43 3.36
CA ILE D 51 -6.34 -35.78 4.63
C ILE D 51 -7.26 -34.56 4.47
N VAL D 52 -7.18 -33.61 3.48
CA VAL D 52 -8.18 -32.52 3.59
C VAL D 52 -9.50 -32.96 2.99
N THR D 53 -9.60 -33.74 1.88
CA THR D 53 -10.90 -34.14 1.36
C THR D 53 -11.69 -35.01 2.32
N ASN D 54 -11.07 -36.01 2.93
CA ASN D 54 -11.78 -36.89 3.84
C ASN D 54 -12.22 -36.09 5.06
N ALA D 55 -11.34 -35.23 5.58
CA ALA D 55 -11.72 -34.40 6.72
C ALA D 55 -12.76 -33.35 6.31
N ALA D 56 -12.82 -32.88 5.06
CA ALA D 56 -13.85 -31.93 4.63
C ALA D 56 -15.19 -32.63 4.46
N ARG D 57 -15.21 -33.85 3.93
CA ARG D 57 -16.42 -34.61 3.75
C ARG D 57 -17.11 -34.90 5.08
N ALA D 58 -16.27 -35.15 6.09
CA ALA D 58 -16.75 -35.48 7.42
C ALA D 58 -17.45 -34.29 8.06
N LEU D 59 -16.86 -33.12 7.83
CA LEU D 59 -17.37 -31.87 8.32
C LEU D 59 -18.71 -31.57 7.67
N PHE D 60 -18.86 -31.66 6.34
CA PHE D 60 -20.13 -31.32 5.71
C PHE D 60 -21.20 -32.36 5.98
N ALA D 61 -20.81 -33.53 6.49
CA ALA D 61 -21.76 -34.55 6.91
C ALA D 61 -22.32 -34.18 8.27
N GLU D 62 -21.50 -33.50 9.07
CA GLU D 62 -21.89 -33.11 10.40
C GLU D 62 -22.60 -31.78 10.45
N GLN D 63 -22.12 -30.83 9.67
CA GLN D 63 -22.67 -29.50 9.63
C GLN D 63 -23.17 -29.18 8.23
N PRO D 64 -24.27 -29.80 7.77
CA PRO D 64 -24.80 -29.69 6.42
C PRO D 64 -25.22 -28.27 6.02
N GLN D 65 -25.47 -27.51 7.09
CA GLN D 65 -25.82 -26.10 7.09
C GLN D 65 -24.79 -25.36 6.24
N LEU D 66 -23.49 -25.64 6.43
CA LEU D 66 -22.44 -25.01 5.66
C LEU D 66 -22.61 -25.03 4.15
N ILE D 67 -23.19 -26.11 3.62
CA ILE D 67 -23.31 -26.26 2.18
C ILE D 67 -24.69 -26.00 1.60
N SER D 68 -25.71 -25.77 2.43
CA SER D 68 -27.02 -25.41 1.92
C SER D 68 -26.96 -24.02 1.27
N PRO D 69 -27.87 -23.63 0.36
CA PRO D 69 -27.88 -22.29 -0.24
C PRO D 69 -27.81 -21.20 0.81
N GLY D 70 -26.78 -20.36 0.69
CA GLY D 70 -26.55 -19.27 1.61
C GLY D 70 -25.47 -19.57 2.65
N GLY D 71 -25.17 -20.85 2.89
CA GLY D 71 -24.19 -21.27 3.89
C GLY D 71 -22.80 -20.80 3.50
N ASN D 72 -21.82 -20.81 4.40
CA ASN D 72 -20.54 -20.23 4.08
C ASN D 72 -19.69 -21.10 3.18
N ALA D 73 -20.00 -22.38 3.02
CA ALA D 73 -19.25 -23.17 2.06
C ALA D 73 -20.05 -23.39 0.79
N TYR D 74 -21.15 -22.64 0.58
CA TYR D 74 -21.96 -22.78 -0.61
C TYR D 74 -21.36 -21.95 -1.73
N THR D 75 -21.51 -22.40 -2.99
CA THR D 75 -20.97 -21.94 -4.28
C THR D 75 -19.59 -22.53 -4.45
N SER D 76 -19.20 -22.81 -5.70
CA SER D 76 -17.90 -23.40 -5.95
C SER D 76 -16.76 -22.51 -5.46
N ARG D 77 -16.85 -21.19 -5.58
CA ARG D 77 -15.80 -20.29 -5.08
C ARG D 77 -15.58 -20.43 -3.57
N ARG D 78 -16.67 -20.55 -2.81
CA ARG D 78 -16.55 -20.62 -1.37
C ARG D 78 -16.04 -21.97 -0.87
N MET D 79 -16.48 -23.04 -1.52
CA MET D 79 -16.01 -24.37 -1.20
C MET D 79 -14.51 -24.48 -1.51
N ALA D 80 -14.10 -24.02 -2.69
CA ALA D 80 -12.70 -24.05 -3.10
C ALA D 80 -11.84 -23.26 -2.11
N ALA D 81 -12.34 -22.15 -1.58
CA ALA D 81 -11.63 -21.39 -0.56
C ALA D 81 -11.59 -22.11 0.78
N CYS D 82 -12.65 -22.85 1.16
CA CYS D 82 -12.63 -23.59 2.40
C CYS D 82 -11.62 -24.74 2.34
N LEU D 83 -11.61 -25.55 1.25
CA LEU D 83 -10.63 -26.62 1.08
C LEU D 83 -9.20 -26.09 1.08
N ARG D 84 -8.99 -24.95 0.43
CA ARG D 84 -7.70 -24.27 0.38
C ARG D 84 -7.22 -23.92 1.79
N ASP D 85 -8.06 -23.36 2.67
CA ASP D 85 -7.60 -23.01 4.00
C ASP D 85 -7.28 -24.26 4.79
N MET D 86 -7.97 -25.36 4.52
CA MET D 86 -7.69 -26.62 5.19
C MET D 86 -6.30 -27.08 4.82
N GLU D 87 -5.99 -27.00 3.53
CA GLU D 87 -4.68 -27.37 3.05
C GLU D 87 -3.61 -26.41 3.58
N ILE D 88 -3.92 -25.12 3.76
CA ILE D 88 -2.92 -24.19 4.24
C ILE D 88 -2.57 -24.57 5.68
N VAL D 89 -3.56 -24.87 6.53
CA VAL D 89 -3.28 -25.21 7.90
C VAL D 89 -2.47 -26.50 7.95
N LEU D 90 -2.68 -27.44 7.01
CA LEU D 90 -1.91 -28.67 7.02
C LEU D 90 -0.45 -28.38 6.66
N ARG D 91 -0.21 -27.53 5.65
CA ARG D 91 1.14 -27.13 5.26
C ARG D 91 1.85 -26.51 6.43
N TYR D 92 1.25 -25.53 7.11
CA TYR D 92 1.95 -24.88 8.21
C TYR D 92 2.19 -25.81 9.39
N VAL D 93 1.36 -26.83 9.62
CA VAL D 93 1.65 -27.77 10.69
C VAL D 93 2.84 -28.59 10.22
N SER D 94 2.92 -29.00 8.94
CA SER D 94 4.10 -29.67 8.37
C SER D 94 5.37 -28.90 8.63
N TYR D 95 5.33 -27.61 8.28
CA TYR D 95 6.44 -26.71 8.47
C TYR D 95 6.82 -26.68 9.94
N ALA D 96 5.86 -26.50 10.85
CA ALA D 96 6.17 -26.45 12.28
C ALA D 96 6.81 -27.74 12.80
N MET D 97 6.41 -28.86 12.22
CA MET D 97 6.89 -30.19 12.55
C MET D 97 8.31 -30.42 12.05
N ILE D 98 8.71 -29.92 10.86
CA ILE D 98 10.10 -30.05 10.41
C ILE D 98 11.00 -29.14 11.24
N ALA D 99 10.57 -27.91 11.55
CA ALA D 99 11.43 -27.00 12.28
C ALA D 99 11.57 -27.33 13.76
N GLY D 100 10.55 -27.98 14.32
CA GLY D 100 10.53 -28.29 15.74
C GLY D 100 10.11 -27.04 16.49
N ASP D 101 9.44 -26.09 15.83
CA ASP D 101 9.03 -24.87 16.51
C ASP D 101 7.76 -24.29 15.94
N ALA D 102 6.93 -23.78 16.85
CA ALA D 102 5.65 -23.17 16.52
C ALA D 102 5.72 -21.84 15.77
N SER D 103 6.86 -21.12 15.82
CA SER D 103 7.05 -19.85 15.13
C SER D 103 6.40 -19.72 13.75
N VAL D 104 6.78 -20.47 12.70
CA VAL D 104 6.17 -20.32 11.37
C VAL D 104 4.64 -20.41 11.37
N LEU D 105 4.05 -21.22 12.24
CA LEU D 105 2.62 -21.42 12.35
C LEU D 105 1.90 -20.16 12.82
N ASP D 106 2.47 -19.60 13.88
CA ASP D 106 1.92 -18.43 14.52
C ASP D 106 2.10 -17.20 13.65
N ASP D 107 3.32 -16.77 13.29
CA ASP D 107 3.49 -15.55 12.50
C ASP D 107 3.04 -15.62 11.04
N ARG D 108 3.34 -16.68 10.27
CA ARG D 108 2.97 -16.73 8.87
C ARG D 108 1.53 -17.20 8.63
N CYS D 109 0.71 -17.52 9.65
CA CYS D 109 -0.61 -18.06 9.35
C CYS D 109 -1.73 -17.71 10.31
N LEU D 110 -1.58 -17.90 11.62
CA LEU D 110 -2.69 -17.71 12.55
C LEU D 110 -2.98 -16.27 12.98
N ASN D 111 -2.00 -15.42 12.69
CA ASN D 111 -1.97 -13.98 12.93
C ASN D 111 -3.15 -13.32 12.21
N GLY D 112 -4.33 -13.13 12.81
CA GLY D 112 -5.43 -12.51 12.09
C GLY D 112 -6.50 -13.49 11.63
N LEU D 113 -6.37 -14.81 11.82
CA LEU D 113 -7.39 -15.71 11.31
C LEU D 113 -8.71 -15.53 12.02
N ARG D 114 -8.74 -15.39 13.36
CA ARG D 114 -9.95 -15.20 14.14
C ARG D 114 -10.74 -14.01 13.56
N GLU D 115 -10.00 -12.91 13.42
CA GLU D 115 -10.50 -11.64 12.91
C GLU D 115 -10.99 -11.70 11.47
N THR D 116 -10.22 -12.37 10.60
CA THR D 116 -10.57 -12.52 9.20
C THR D 116 -11.86 -13.31 9.06
N TYR D 117 -11.97 -14.51 9.67
CA TYR D 117 -13.18 -15.28 9.57
C TYR D 117 -14.36 -14.52 10.17
N GLN D 118 -14.16 -13.75 11.24
CA GLN D 118 -15.23 -12.93 11.83
C GLN D 118 -15.75 -11.85 10.91
N ALA D 119 -14.86 -11.05 10.32
CA ALA D 119 -15.24 -9.99 9.40
C ALA D 119 -15.95 -10.51 8.16
N LEU D 120 -15.51 -11.70 7.76
CA LEU D 120 -15.99 -12.42 6.60
C LEU D 120 -17.31 -13.12 6.85
N GLY D 121 -17.58 -13.41 8.11
CA GLY D 121 -18.76 -14.18 8.43
C GLY D 121 -18.46 -15.67 8.35
N THR D 122 -17.21 -16.13 8.28
CA THR D 122 -16.91 -17.55 8.31
C THR D 122 -16.99 -18.07 9.74
N PRO D 123 -17.76 -19.14 10.00
CA PRO D 123 -17.87 -19.74 11.32
C PRO D 123 -16.62 -20.42 11.87
N GLY D 124 -15.95 -19.70 12.77
CA GLY D 124 -14.71 -20.12 13.42
C GLY D 124 -14.75 -21.52 14.01
N ALA D 125 -15.83 -21.88 14.72
CA ALA D 125 -15.97 -23.21 15.35
C ALA D 125 -15.96 -24.36 14.35
N SER D 126 -16.46 -24.12 13.14
CA SER D 126 -16.49 -25.15 12.12
C SER D 126 -15.08 -25.33 11.62
N VAL D 127 -14.32 -24.23 11.46
CA VAL D 127 -12.92 -24.33 11.05
C VAL D 127 -12.16 -25.16 12.07
N ALA D 128 -12.43 -24.93 13.34
CA ALA D 128 -11.82 -25.70 14.40
C ALA D 128 -12.21 -27.18 14.32
N VAL D 129 -13.41 -27.51 13.83
CA VAL D 129 -13.80 -28.90 13.69
C VAL D 129 -13.01 -29.48 12.54
N ALA D 130 -12.83 -28.76 11.43
CA ALA D 130 -12.05 -29.24 10.29
C ALA D 130 -10.62 -29.56 10.72
N ILE D 131 -9.98 -28.68 11.50
CA ILE D 131 -8.63 -28.94 11.99
C ILE D 131 -8.61 -30.15 12.89
N GLN D 132 -9.65 -30.39 13.71
CA GLN D 132 -9.61 -31.54 14.60
C GLN D 132 -9.67 -32.84 13.82
N LYS D 133 -10.48 -32.81 12.78
CA LYS D 133 -10.58 -33.98 11.93
C LYS D 133 -9.26 -34.23 11.20
N MET D 134 -8.59 -33.19 10.71
CA MET D 134 -7.31 -33.38 10.02
C MET D 134 -6.27 -33.89 11.00
N LYS D 135 -6.38 -33.51 12.27
CA LYS D 135 -5.45 -33.96 13.29
C LYS D 135 -5.61 -35.45 13.47
N ASP D 136 -6.85 -35.90 13.68
CA ASP D 136 -7.17 -37.30 13.85
C ASP D 136 -6.61 -38.14 12.70
N ALA D 137 -6.83 -37.67 11.47
CA ALA D 137 -6.33 -38.38 10.29
C ALA D 137 -4.81 -38.44 10.27
N ALA D 138 -4.20 -37.29 10.48
CA ALA D 138 -2.77 -37.17 10.38
C ALA D 138 -2.10 -38.00 11.50
N LEU D 139 -2.55 -38.08 12.75
CA LEU D 139 -1.92 -38.95 13.74
C LEU D 139 -2.05 -40.43 13.43
N ALA D 140 -3.12 -40.78 12.71
CA ALA D 140 -3.39 -42.15 12.32
C ALA D 140 -2.36 -42.64 11.32
N LEU D 141 -2.17 -41.83 10.28
CA LEU D 141 -1.25 -42.17 9.22
C LEU D 141 0.18 -42.11 9.73
N VAL D 142 0.55 -41.18 10.62
CA VAL D 142 1.91 -41.11 11.13
C VAL D 142 2.28 -42.40 11.84
N ASN D 143 1.31 -43.10 12.44
CA ASN D 143 1.57 -44.40 13.03
C ASN D 143 1.49 -45.57 12.05
N ASP D 144 1.07 -45.45 10.79
CA ASP D 144 1.01 -46.61 9.91
C ASP D 144 2.40 -47.13 9.58
N THR D 145 2.61 -48.44 9.48
CA THR D 145 3.91 -48.97 9.05
C THR D 145 3.84 -49.62 7.69
N THR D 146 4.80 -49.25 6.85
CA THR D 146 5.08 -49.90 5.53
C THR D 146 6.06 -49.04 4.76
N GLY D 147 7.36 -49.45 4.75
CA GLY D 147 8.46 -48.67 4.17
C GLY D 147 9.18 -47.86 5.26
N THR D 148 8.88 -48.25 6.50
CA THR D 148 9.31 -47.55 7.71
C THR D 148 9.74 -48.57 8.77
N PRO D 149 10.91 -48.46 9.43
CA PRO D 149 11.34 -49.36 10.50
C PRO D 149 10.40 -49.18 11.68
N ALA D 150 9.95 -50.27 12.29
CA ALA D 150 9.06 -50.20 13.44
C ALA D 150 9.75 -49.69 14.69
N GLY D 151 9.05 -48.88 15.47
CA GLY D 151 9.59 -48.31 16.67
C GLY D 151 8.56 -47.46 17.38
N ASP D 152 9.02 -46.52 18.19
CA ASP D 152 8.11 -45.68 18.96
C ASP D 152 8.22 -44.24 18.50
N CYS D 153 7.12 -43.67 18.05
CA CYS D 153 7.13 -42.29 17.64
C CYS D 153 6.24 -41.45 18.54
N ALA D 154 5.91 -42.02 19.71
CA ALA D 154 5.05 -41.41 20.72
C ALA D 154 5.30 -39.92 20.95
N SER D 155 6.53 -39.48 21.22
CA SER D 155 6.81 -38.07 21.40
C SER D 155 6.52 -37.19 20.19
N LEU D 156 6.87 -37.65 18.97
CA LEU D 156 6.60 -36.86 17.79
C LEU D 156 5.11 -36.79 17.56
N VAL D 157 4.32 -37.84 17.82
CA VAL D 157 2.87 -37.71 17.74
C VAL D 157 2.39 -36.68 18.79
N ALA D 158 2.81 -36.66 20.06
CA ALA D 158 2.39 -35.64 21.03
C ALA D 158 2.74 -34.22 20.58
N GLU D 159 3.93 -34.08 19.98
CA GLU D 159 4.37 -32.82 19.46
C GLU D 159 3.52 -32.37 18.27
N ILE D 160 3.20 -33.23 17.30
CA ILE D 160 2.37 -32.79 16.18
C ILE D 160 0.94 -32.60 16.67
N ALA D 161 0.48 -33.30 17.72
CA ALA D 161 -0.85 -33.05 18.26
C ALA D 161 -0.90 -31.62 18.82
N THR D 162 0.19 -31.09 19.39
CA THR D 162 0.24 -29.72 19.86
C THR D 162 0.11 -28.70 18.73
N TYR D 163 0.80 -28.92 17.61
CA TYR D 163 0.70 -27.99 16.51
C TYR D 163 -0.70 -27.90 15.93
N PHE D 164 -1.43 -29.03 15.86
CA PHE D 164 -2.79 -29.00 15.40
C PHE D 164 -3.71 -28.23 16.33
N ASP D 165 -3.56 -28.38 17.65
CA ASP D 165 -4.38 -27.62 18.57
C ASP D 165 -4.06 -26.15 18.53
N ARG D 166 -2.78 -25.73 18.39
CA ARG D 166 -2.44 -24.31 18.27
C ARG D 166 -3.28 -23.69 17.17
N ALA D 167 -3.20 -24.31 15.99
CA ALA D 167 -3.99 -23.88 14.86
C ALA D 167 -5.49 -23.93 15.13
N ALA D 168 -6.03 -24.96 15.80
CA ALA D 168 -7.48 -25.06 16.04
C ALA D 168 -7.98 -24.00 17.01
N ALA D 169 -7.11 -23.49 17.86
CA ALA D 169 -7.48 -22.49 18.84
C ALA D 169 -7.37 -21.07 18.32
N ALA D 170 -6.68 -20.84 17.21
CA ALA D 170 -6.54 -19.50 16.68
C ALA D 170 -7.71 -18.99 15.84
N VAL D 171 -8.75 -19.81 15.68
CA VAL D 171 -9.89 -19.43 14.86
C VAL D 171 -11.15 -19.17 15.69
N ALA D 172 -11.15 -19.68 16.94
CA ALA D 172 -12.12 -19.56 18.05
C ALA D 172 -12.37 -20.91 18.71
N MET E 1 6.30 25.93 -1.41
CA MET E 1 6.08 25.50 -2.77
C MET E 1 7.47 25.24 -3.36
N LYS E 2 7.67 25.24 -4.69
CA LYS E 2 9.01 25.10 -5.25
C LYS E 2 9.66 26.46 -5.26
N THR E 3 10.84 26.57 -4.64
CA THR E 3 11.60 27.81 -4.61
C THR E 3 13.04 27.36 -4.89
N PRO E 4 14.05 28.17 -5.22
CA PRO E 4 15.44 27.75 -5.33
C PRO E 4 15.97 27.02 -4.10
N LEU E 5 15.57 27.44 -2.89
CA LEU E 5 16.04 26.81 -1.67
C LEU E 5 15.37 25.46 -1.41
N THR E 6 14.07 25.28 -1.64
CA THR E 6 13.46 23.99 -1.38
C THR E 6 13.80 22.98 -2.45
N GLU E 7 14.13 23.46 -3.66
CA GLU E 7 14.57 22.55 -4.70
C GLU E 7 15.93 22.01 -4.33
N ALA E 8 16.91 22.80 -3.90
CA ALA E 8 18.20 22.29 -3.45
C ALA E 8 18.04 21.26 -2.34
N ILE E 9 17.18 21.55 -1.36
CA ILE E 9 16.91 20.60 -0.31
C ILE E 9 16.24 19.35 -0.88
N ALA E 10 15.32 19.43 -1.85
CA ALA E 10 14.71 18.21 -2.35
C ALA E 10 15.68 17.38 -3.17
N ALA E 11 16.50 17.98 -4.03
CA ALA E 11 17.49 17.25 -4.80
C ALA E 11 18.45 16.52 -3.86
N ALA E 12 18.99 17.16 -2.82
CA ALA E 12 19.86 16.49 -1.86
C ALA E 12 19.17 15.40 -1.06
N ASP E 13 17.95 15.66 -0.60
CA ASP E 13 17.23 14.71 0.23
C ASP E 13 16.85 13.46 -0.53
N SER E 14 16.51 13.57 -1.81
CA SER E 14 16.13 12.40 -2.57
C SER E 14 17.33 11.47 -2.62
N GLN E 15 18.51 12.07 -2.81
CA GLN E 15 19.74 11.33 -2.88
C GLN E 15 20.27 10.95 -1.49
N GLY E 16 19.51 11.25 -0.43
CA GLY E 16 19.86 10.94 0.94
C GLY E 16 21.14 11.60 1.42
N ARG E 17 21.47 12.77 0.90
CA ARG E 17 22.73 13.38 1.24
C ARG E 17 22.63 14.79 1.79
N PHE E 18 23.76 15.25 2.36
CA PHE E 18 23.91 16.62 2.80
C PHE E 18 23.95 17.49 1.55
N LEU E 19 23.51 18.75 1.62
CA LEU E 19 23.63 19.70 0.51
C LEU E 19 25.08 19.78 0.04
N SER E 20 25.38 19.94 -1.25
CA SER E 20 26.78 20.03 -1.69
C SER E 20 27.17 21.46 -2.03
N ASN E 21 28.42 21.73 -2.42
CA ASN E 21 28.80 23.11 -2.78
C ASN E 21 28.10 23.55 -4.07
N THR E 22 27.58 22.59 -4.82
CA THR E 22 26.79 22.85 -6.01
C THR E 22 25.50 23.51 -5.55
N GLU E 23 24.84 22.97 -4.51
CA GLU E 23 23.62 23.56 -4.00
C GLU E 23 23.82 24.86 -3.26
N LEU E 24 24.93 24.98 -2.53
CA LEU E 24 25.26 26.25 -1.89
C LEU E 24 25.54 27.33 -2.94
N GLN E 25 26.13 27.02 -4.10
CA GLN E 25 26.35 28.01 -5.15
C GLN E 25 25.04 28.51 -5.75
N VAL E 26 24.15 27.54 -5.93
CA VAL E 26 22.77 27.76 -6.36
C VAL E 26 22.07 28.74 -5.43
N VAL E 27 22.02 28.49 -4.11
CA VAL E 27 21.37 29.41 -3.17
C VAL E 27 22.04 30.78 -3.25
N ASN E 28 23.38 30.88 -3.34
CA ASN E 28 24.06 32.15 -3.52
C ASN E 28 23.59 32.89 -4.78
N GLY E 29 23.28 32.19 -5.88
CA GLY E 29 22.76 32.84 -7.07
C GLY E 29 21.46 33.56 -6.75
N ARG E 30 20.60 32.88 -5.98
CA ARG E 30 19.35 33.47 -5.50
C ARG E 30 19.61 34.66 -4.59
N TYR E 31 20.46 34.60 -3.57
CA TYR E 31 20.74 35.76 -2.75
C TYR E 31 21.30 36.93 -3.57
N ASN E 32 22.08 36.64 -4.62
CA ASN E 32 22.61 37.67 -5.48
C ASN E 32 21.53 38.35 -6.31
N ARG E 33 20.55 37.66 -6.89
CA ARG E 33 19.53 38.38 -7.66
C ARG E 33 18.43 38.99 -6.80
N ALA E 34 18.21 38.46 -5.61
CA ALA E 34 17.09 38.84 -4.75
C ALA E 34 16.88 40.33 -4.49
N THR E 35 17.93 41.13 -4.37
CA THR E 35 17.70 42.55 -4.20
C THR E 35 17.03 43.16 -5.42
N SER E 36 17.38 42.76 -6.65
CA SER E 36 16.63 43.21 -7.82
C SER E 36 15.17 42.75 -7.77
N SER E 37 14.94 41.51 -7.33
CA SER E 37 13.59 40.97 -7.25
C SER E 37 12.73 41.61 -6.19
N LEU E 38 13.20 41.97 -4.99
CA LEU E 38 12.32 42.55 -3.98
C LEU E 38 12.04 44.01 -4.30
N GLU E 39 12.99 44.74 -4.87
CA GLU E 39 12.75 46.11 -5.31
C GLU E 39 11.68 46.11 -6.40
N ALA E 40 11.72 45.20 -7.39
CA ALA E 40 10.70 45.16 -8.43
C ALA E 40 9.35 44.86 -7.80
N ALA E 41 9.35 44.04 -6.76
CA ALA E 41 8.12 43.71 -6.06
C ALA E 41 7.60 44.93 -5.33
N LYS E 42 8.44 45.81 -4.77
CA LYS E 42 7.93 46.98 -4.08
C LYS E 42 7.24 47.90 -5.06
N ALA E 43 7.91 48.29 -6.15
CA ALA E 43 7.31 49.19 -7.13
C ALA E 43 6.02 48.60 -7.68
N LEU E 44 5.94 47.29 -7.96
CA LEU E 44 4.69 46.72 -8.43
C LEU E 44 3.57 46.73 -7.40
N THR E 45 3.84 46.59 -6.11
CA THR E 45 2.80 46.62 -5.10
C THR E 45 2.29 48.06 -4.97
N ALA E 46 3.23 49.01 -4.98
CA ALA E 46 2.87 50.41 -4.82
C ALA E 46 1.94 50.90 -5.91
N ASN E 47 2.10 50.40 -7.13
CA ASN E 47 1.26 50.84 -8.23
C ASN E 47 0.19 49.83 -8.62
N ALA E 48 -0.15 48.93 -7.70
CA ALA E 48 -1.06 47.82 -7.96
C ALA E 48 -2.38 48.27 -8.56
N ASP E 49 -3.07 49.28 -8.04
CA ASP E 49 -4.35 49.64 -8.64
C ASP E 49 -4.31 50.28 -10.01
N ARG E 50 -3.30 51.11 -10.20
CA ARG E 50 -3.06 51.73 -11.48
C ARG E 50 -2.84 50.64 -12.51
N LEU E 51 -1.92 49.70 -12.26
CA LEU E 51 -1.70 48.59 -13.18
C LEU E 51 -2.93 47.72 -13.38
N ILE E 52 -3.73 47.37 -12.36
CA ILE E 52 -4.91 46.54 -12.57
C ILE E 52 -5.99 47.26 -13.39
N SER E 53 -6.35 48.50 -13.06
CA SER E 53 -7.35 49.26 -13.78
C SER E 53 -6.93 49.60 -15.21
N GLY E 54 -5.66 49.97 -15.39
CA GLY E 54 -5.16 50.28 -16.72
C GLY E 54 -5.18 49.05 -17.63
N ALA E 55 -4.79 47.89 -17.09
CA ALA E 55 -4.73 46.66 -17.87
C ALA E 55 -6.12 46.20 -18.26
N ALA E 56 -7.07 46.36 -17.34
CA ALA E 56 -8.42 45.98 -17.68
C ALA E 56 -8.98 46.92 -18.73
N ASN E 57 -8.69 48.23 -18.73
CA ASN E 57 -9.25 49.06 -19.79
C ASN E 57 -8.46 48.81 -21.07
N ALA E 58 -7.18 48.37 -21.03
CA ALA E 58 -6.46 47.97 -22.24
C ALA E 58 -7.20 46.80 -22.92
N VAL E 59 -7.67 45.81 -22.14
CA VAL E 59 -8.46 44.69 -22.67
C VAL E 59 -9.77 45.20 -23.24
N TYR E 60 -10.48 46.13 -22.57
CA TYR E 60 -11.77 46.61 -23.07
C TYR E 60 -11.60 47.46 -24.31
N SER E 61 -10.49 48.18 -24.48
CA SER E 61 -10.28 48.93 -25.70
C SER E 61 -9.88 47.97 -26.81
N LYS E 62 -9.10 46.90 -26.56
CA LYS E 62 -8.71 46.01 -27.66
C LYS E 62 -9.87 45.09 -28.04
N PHE E 63 -10.61 44.57 -27.07
CA PHE E 63 -11.74 43.70 -27.34
C PHE E 63 -13.06 44.34 -26.88
N PRO E 64 -13.63 45.38 -27.50
CA PRO E 64 -14.82 46.06 -26.98
C PRO E 64 -16.05 45.18 -26.84
N TYR E 65 -16.13 44.05 -27.55
CA TYR E 65 -17.27 43.16 -27.41
C TYR E 65 -17.40 42.64 -25.99
N THR E 66 -16.32 42.56 -25.20
CA THR E 66 -16.46 42.03 -23.86
C THR E 66 -17.25 42.97 -22.97
N THR E 67 -17.42 44.24 -23.36
CA THR E 67 -18.20 45.14 -22.53
C THR E 67 -19.61 45.30 -23.07
N GLN E 68 -19.85 44.83 -24.29
CA GLN E 68 -21.14 44.98 -24.91
C GLN E 68 -21.99 43.72 -24.95
N MET E 69 -21.34 42.59 -25.19
CA MET E 69 -22.05 41.34 -25.39
C MET E 69 -22.67 40.82 -24.10
N PRO E 70 -23.93 40.38 -24.08
CA PRO E 70 -24.65 39.99 -22.88
C PRO E 70 -24.26 38.61 -22.37
N GLY E 71 -24.36 38.40 -21.07
CA GLY E 71 -24.04 37.11 -20.51
C GLY E 71 -23.17 37.18 -19.27
N PRO E 72 -23.14 36.12 -18.44
CA PRO E 72 -22.39 36.10 -17.19
C PRO E 72 -20.88 36.18 -17.32
N ASN E 73 -20.33 35.83 -18.47
CA ASN E 73 -18.90 35.76 -18.58
C ASN E 73 -18.24 36.93 -19.28
N TYR E 74 -18.96 38.03 -19.50
CA TYR E 74 -18.35 39.19 -20.10
C TYR E 74 -18.39 40.32 -19.08
N SER E 75 -17.67 41.38 -19.41
CA SER E 75 -17.64 42.60 -18.63
C SER E 75 -18.81 43.53 -18.94
N SER E 76 -19.96 43.07 -19.43
CA SER E 76 -21.10 43.95 -19.67
C SER E 76 -21.82 44.32 -18.38
N THR E 77 -21.59 43.60 -17.30
CA THR E 77 -22.27 43.88 -16.05
C THR E 77 -21.29 44.51 -15.08
N ALA E 78 -21.79 45.18 -14.04
CA ALA E 78 -20.94 45.71 -12.97
C ALA E 78 -20.09 44.60 -12.34
N ILE E 79 -20.76 43.48 -12.07
CA ILE E 79 -20.16 42.29 -11.49
C ILE E 79 -19.06 41.79 -12.40
N GLY E 80 -19.39 41.52 -13.67
CA GLY E 80 -18.44 41.07 -14.68
C GLY E 80 -17.20 41.93 -14.71
N LYS E 81 -17.34 43.26 -14.76
CA LYS E 81 -16.19 44.14 -14.70
C LYS E 81 -15.44 43.96 -13.39
N ALA E 82 -16.13 43.68 -12.29
CA ALA E 82 -15.43 43.50 -11.03
C ALA E 82 -14.65 42.19 -11.02
N LYS E 83 -15.21 41.10 -11.54
CA LYS E 83 -14.50 39.82 -11.62
C LYS E 83 -13.33 39.93 -12.59
N CYS E 84 -13.47 40.58 -13.74
CA CYS E 84 -12.37 40.73 -14.66
C CYS E 84 -11.17 41.46 -14.05
N ALA E 85 -11.42 42.57 -13.33
CA ALA E 85 -10.33 43.29 -12.69
C ALA E 85 -9.76 42.46 -11.55
N ARG E 86 -10.60 41.67 -10.86
CA ARG E 86 -10.15 40.78 -9.80
C ARG E 86 -9.20 39.73 -10.36
N ASP E 87 -9.52 39.13 -11.51
CA ASP E 87 -8.63 38.17 -12.16
C ASP E 87 -7.32 38.77 -12.59
N ILE E 88 -7.33 40.00 -13.11
CA ILE E 88 -6.08 40.63 -13.48
C ILE E 88 -5.28 40.88 -12.21
N GLY E 89 -5.93 41.24 -11.10
CA GLY E 89 -5.24 41.46 -9.84
C GLY E 89 -4.54 40.20 -9.34
N TYR E 90 -5.13 39.03 -9.58
CA TYR E 90 -4.53 37.74 -9.24
C TYR E 90 -3.24 37.55 -10.03
N TYR E 91 -3.18 37.74 -11.36
CA TYR E 91 -1.93 37.63 -12.11
C TYR E 91 -0.88 38.60 -11.56
N LEU E 92 -1.19 39.86 -11.26
CA LEU E 92 -0.21 40.78 -10.71
C LEU E 92 0.27 40.36 -9.31
N ARG E 93 -0.63 39.92 -8.44
CA ARG E 93 -0.22 39.50 -7.11
C ARG E 93 0.64 38.24 -7.15
N MET E 94 0.31 37.23 -7.96
CA MET E 94 1.14 36.03 -8.09
C MET E 94 2.52 36.38 -8.63
N VAL E 95 2.62 37.36 -9.54
CA VAL E 95 3.89 37.85 -10.02
C VAL E 95 4.72 38.42 -8.86
N THR E 96 4.20 39.22 -7.91
CA THR E 96 5.03 39.74 -6.82
C THR E 96 5.53 38.61 -5.92
N TYR E 97 4.67 37.61 -5.67
CA TYR E 97 5.01 36.39 -4.92
C TYR E 97 6.15 35.64 -5.59
N CYS E 98 6.14 35.48 -6.93
CA CYS E 98 7.26 34.85 -7.64
C CYS E 98 8.50 35.69 -7.50
N LEU E 99 8.40 37.02 -7.48
CA LEU E 99 9.59 37.81 -7.33
C LEU E 99 10.15 37.57 -5.93
N VAL E 100 9.35 37.51 -4.82
CA VAL E 100 10.02 37.39 -3.51
C VAL E 100 10.50 35.96 -3.27
N VAL E 101 9.94 34.80 -3.76
CA VAL E 101 10.58 33.51 -3.48
C VAL E 101 11.59 33.12 -4.58
N GLY E 102 11.64 33.84 -5.70
CA GLY E 102 12.65 33.64 -6.73
C GLY E 102 12.46 32.38 -7.57
N GLY E 103 11.22 32.01 -7.81
CA GLY E 103 10.88 30.83 -8.57
C GLY E 103 9.44 30.99 -9.02
N THR E 104 8.95 30.25 -10.02
CA THR E 104 7.54 30.38 -10.41
C THR E 104 6.57 29.62 -9.50
N GLY E 105 7.10 28.98 -8.45
CA GLY E 105 6.35 28.21 -7.47
C GLY E 105 4.95 28.73 -7.18
N PRO E 106 4.74 29.92 -6.60
CA PRO E 106 3.41 30.44 -6.29
C PRO E 106 2.45 30.55 -7.47
N MET E 107 2.92 31.00 -8.64
CA MET E 107 2.04 31.10 -9.79
C MET E 107 1.65 29.70 -10.21
N ASP E 108 2.57 28.74 -10.26
CA ASP E 108 2.23 27.39 -10.64
C ASP E 108 1.26 26.70 -9.71
N ASP E 109 1.41 26.96 -8.42
CA ASP E 109 0.63 26.35 -7.37
C ASP E 109 -0.75 27.00 -7.22
N TYR E 110 -0.77 28.33 -7.14
CA TYR E 110 -2.01 29.06 -6.93
C TYR E 110 -2.78 29.40 -8.20
N LEU E 111 -2.12 29.63 -9.33
CA LEU E 111 -2.83 30.00 -10.56
C LEU E 111 -2.73 28.99 -11.72
N VAL E 112 -1.57 28.43 -12.08
CA VAL E 112 -1.48 27.63 -13.30
C VAL E 112 -2.14 26.25 -13.22
N ALA E 113 -1.98 25.48 -12.14
CA ALA E 113 -2.60 24.18 -12.07
C ALA E 113 -4.13 24.27 -12.05
N GLY E 114 -4.81 23.81 -13.10
CA GLY E 114 -6.26 23.85 -13.15
C GLY E 114 -6.77 24.94 -14.08
N LEU E 115 -5.87 25.86 -14.48
CA LEU E 115 -6.27 27.01 -15.27
C LEU E 115 -6.94 26.67 -16.60
N GLU E 116 -6.43 25.74 -17.41
CA GLU E 116 -7.07 25.39 -18.68
C GLU E 116 -8.49 24.90 -18.48
N GLU E 117 -8.70 24.19 -17.37
CA GLU E 117 -10.00 23.65 -17.08
C GLU E 117 -10.94 24.78 -16.74
N ILE E 118 -10.62 25.67 -15.80
CA ILE E 118 -11.60 26.68 -15.43
C ILE E 118 -11.79 27.65 -16.60
N ASN E 119 -10.78 27.89 -17.43
CA ASN E 119 -10.96 28.80 -18.57
C ASN E 119 -11.82 28.26 -19.67
N ARG E 120 -11.78 26.95 -19.92
CA ARG E 120 -12.61 26.34 -20.94
C ARG E 120 -14.04 26.24 -20.39
N THR E 121 -14.14 25.85 -19.11
CA THR E 121 -15.42 25.67 -18.45
C THR E 121 -16.21 27.00 -18.45
N PHE E 122 -15.57 28.10 -18.07
CA PHE E 122 -16.28 29.36 -17.98
C PHE E 122 -16.11 30.23 -19.22
N GLU E 123 -15.62 29.66 -20.32
CA GLU E 123 -15.41 30.35 -21.58
C GLU E 123 -14.63 31.67 -21.54
N LEU E 124 -13.63 31.71 -20.67
CA LEU E 124 -12.75 32.84 -20.58
C LEU E 124 -11.63 32.66 -21.58
N SER E 125 -11.32 33.69 -22.35
CA SER E 125 -10.31 33.58 -23.37
C SER E 125 -8.91 33.92 -22.87
N PRO E 126 -7.90 33.09 -23.10
CA PRO E 126 -6.51 33.41 -22.83
C PRO E 126 -6.04 34.71 -23.48
N SER E 127 -6.55 35.07 -24.66
CA SER E 127 -6.14 36.28 -25.38
C SER E 127 -6.39 37.59 -24.62
N TRP E 128 -7.50 37.61 -23.85
CA TRP E 128 -7.88 38.75 -23.01
C TRP E 128 -6.78 39.00 -21.98
N TYR E 129 -6.35 37.94 -21.32
CA TYR E 129 -5.35 38.06 -20.26
C TYR E 129 -3.95 38.32 -20.80
N ILE E 130 -3.61 37.89 -22.02
CA ILE E 130 -2.33 38.20 -22.62
C ILE E 130 -2.30 39.73 -22.83
N GLU E 131 -3.41 40.37 -23.21
CA GLU E 131 -3.45 41.83 -23.35
C GLU E 131 -3.22 42.54 -22.02
N ALA E 132 -3.87 42.06 -20.96
CA ALA E 132 -3.68 42.60 -19.62
C ALA E 132 -2.22 42.53 -19.22
N LEU E 133 -1.58 41.36 -19.31
CA LEU E 133 -0.17 41.19 -18.98
C LEU E 133 0.75 42.08 -19.82
N LYS E 134 0.51 42.27 -21.12
CA LYS E 134 1.35 43.14 -21.94
C LYS E 134 1.26 44.58 -21.49
N TYR E 135 0.03 45.00 -21.10
CA TYR E 135 -0.10 46.35 -20.60
C TYR E 135 0.73 46.53 -19.36
N ILE E 136 0.66 45.61 -18.37
CA ILE E 136 1.44 45.87 -17.16
C ILE E 136 2.97 45.79 -17.47
N LYS E 137 3.40 45.08 -18.52
CA LYS E 137 4.84 45.07 -18.86
C LYS E 137 5.26 46.46 -19.31
N ASN E 138 4.42 46.97 -20.22
CA ASN E 138 4.65 48.24 -20.88
C ASN E 138 4.65 49.44 -19.99
N ASN E 139 3.97 49.40 -18.84
CA ASN E 139 4.07 50.60 -18.02
C ASN E 139 4.27 50.44 -16.54
N HIS E 140 5.04 49.41 -16.17
CA HIS E 140 5.39 49.37 -14.75
C HIS E 140 6.52 50.35 -14.48
N GLY E 141 7.25 50.89 -15.48
CA GLY E 141 8.25 51.92 -15.22
C GLY E 141 9.61 51.43 -14.72
N LEU E 142 9.76 50.12 -14.54
CA LEU E 142 11.01 49.56 -14.07
C LEU E 142 12.03 49.63 -15.17
N SER E 143 13.30 49.64 -14.79
CA SER E 143 14.35 49.61 -15.76
C SER E 143 15.47 48.69 -15.29
N GLY E 144 16.44 48.39 -16.17
CA GLY E 144 17.60 47.59 -15.84
C GLY E 144 17.19 46.21 -15.37
N ASP E 145 17.93 45.65 -14.42
CA ASP E 145 17.62 44.28 -14.05
C ASP E 145 16.40 44.15 -13.15
N VAL E 146 15.84 45.27 -12.70
CA VAL E 146 14.60 45.24 -11.93
C VAL E 146 13.48 44.93 -12.92
N ALA E 147 13.47 45.62 -14.05
CA ALA E 147 12.58 45.32 -15.17
C ALA E 147 12.80 43.91 -15.68
N ASN E 148 14.05 43.48 -15.81
CA ASN E 148 14.33 42.14 -16.31
C ASN E 148 13.67 41.10 -15.42
N GLU E 149 13.79 41.20 -14.09
CA GLU E 149 13.12 40.32 -13.15
C GLU E 149 11.60 40.27 -13.30
N ALA E 150 10.92 41.41 -13.27
CA ALA E 150 9.47 41.41 -13.37
C ALA E 150 8.97 40.90 -14.71
N ASN E 151 9.67 41.24 -15.79
CA ASN E 151 9.24 40.79 -17.12
C ASN E 151 9.42 39.31 -17.31
N THR E 152 10.40 38.69 -16.66
CA THR E 152 10.62 37.26 -16.81
C THR E 152 9.40 36.50 -16.30
N TYR E 153 8.81 36.90 -15.16
CA TYR E 153 7.61 36.23 -14.67
C TYR E 153 6.36 36.68 -15.40
N ILE E 154 6.32 37.90 -15.93
CA ILE E 154 5.15 38.35 -16.67
C ILE E 154 5.12 37.54 -17.97
N ASP E 155 6.24 37.43 -18.68
CA ASP E 155 6.35 36.59 -19.86
C ASP E 155 6.08 35.11 -19.61
N TYR E 156 6.38 34.59 -18.42
CA TYR E 156 6.09 33.21 -18.08
C TYR E 156 4.58 32.99 -18.16
N ALA E 157 3.81 33.91 -17.57
CA ALA E 157 2.37 33.84 -17.61
C ALA E 157 1.87 33.85 -19.05
N ILE E 158 2.43 34.68 -19.94
CA ILE E 158 1.98 34.72 -21.33
C ILE E 158 2.24 33.39 -22.02
N ASN E 159 3.36 32.74 -21.73
CA ASN E 159 3.62 31.43 -22.32
C ASN E 159 2.75 30.37 -21.69
N THR E 160 2.31 30.44 -20.43
CA THR E 160 1.34 29.48 -19.92
C THR E 160 0.00 29.61 -20.68
N LEU E 161 -0.33 30.82 -21.14
CA LEU E 161 -1.57 31.02 -21.87
C LEU E 161 -1.42 30.86 -23.39
N SER E 162 -0.13 30.62 -23.70
CA SER E 162 0.52 30.44 -24.97
C SER E 162 0.54 31.76 -25.73
N MET F 1 7.05 21.63 1.45
CA MET F 1 8.22 22.22 2.08
C MET F 1 8.10 23.72 1.80
N LEU F 2 8.50 24.47 2.82
CA LEU F 2 8.39 25.91 2.86
C LEU F 2 9.69 26.47 3.38
N ASP F 3 10.22 27.48 2.71
CA ASP F 3 11.32 28.17 3.32
C ASP F 3 10.74 29.42 3.97
N ALA F 4 11.62 30.30 4.43
CA ALA F 4 11.19 31.52 5.08
C ALA F 4 10.39 32.42 4.15
N PHE F 5 10.80 32.53 2.89
CA PHE F 5 10.17 33.40 1.91
C PHE F 5 8.81 32.87 1.45
N ALA F 6 8.68 31.56 1.34
CA ALA F 6 7.43 30.96 0.94
C ALA F 6 6.46 30.93 2.11
N LYS F 7 6.91 30.97 3.38
CA LYS F 7 5.95 30.92 4.48
C LYS F 7 5.11 32.19 4.50
N VAL F 8 5.77 33.34 4.34
CA VAL F 8 5.14 34.65 4.29
C VAL F 8 4.22 34.73 3.09
N VAL F 9 4.72 34.26 1.93
CA VAL F 9 3.90 34.27 0.73
C VAL F 9 2.61 33.50 1.00
N ALA F 10 2.72 32.31 1.60
CA ALA F 10 1.59 31.45 1.87
C ALA F 10 0.62 32.05 2.86
N GLN F 11 1.11 32.73 3.91
CA GLN F 11 0.23 33.43 4.83
C GLN F 11 -0.48 34.59 4.13
N ALA F 12 0.20 35.41 3.32
CA ALA F 12 -0.43 36.51 2.60
C ALA F 12 -1.49 36.05 1.62
N ASP F 13 -1.24 34.99 0.86
CA ASP F 13 -2.22 34.54 -0.10
C ASP F 13 -3.53 34.15 0.54
N ALA F 14 -3.53 33.53 1.73
CA ALA F 14 -4.79 33.17 2.37
C ALA F 14 -5.58 34.43 2.71
N ARG F 15 -4.89 35.52 3.00
CA ARG F 15 -5.52 36.80 3.25
C ARG F 15 -5.76 37.58 1.96
N GLY F 16 -5.38 37.06 0.79
CA GLY F 16 -5.52 37.74 -0.50
C GLY F 16 -4.72 39.03 -0.56
N GLU F 17 -3.65 39.09 0.23
CA GLU F 17 -2.89 40.31 0.36
C GLU F 17 -1.55 40.37 -0.34
N PHE F 18 -1.10 41.54 -0.83
CA PHE F 18 0.28 41.70 -1.29
C PHE F 18 1.12 41.89 -0.03
N LEU F 19 2.37 41.49 -0.06
CA LEU F 19 3.26 41.71 1.08
C LEU F 19 3.50 43.19 1.31
N SER F 20 3.62 43.60 2.57
CA SER F 20 3.88 44.98 2.88
C SER F 20 5.38 45.24 2.90
N ASN F 21 5.78 46.51 2.86
CA ASN F 21 7.19 46.86 2.82
C ASN F 21 7.92 46.45 4.08
N THR F 22 7.32 46.38 5.27
CA THR F 22 8.03 45.88 6.43
C THR F 22 8.30 44.40 6.25
N GLN F 23 7.30 43.66 5.75
CA GLN F 23 7.49 42.25 5.45
C GLN F 23 8.60 42.09 4.43
N ILE F 24 8.68 43.00 3.46
CA ILE F 24 9.73 42.92 2.49
C ILE F 24 11.07 43.32 3.12
N ASP F 25 11.09 44.25 4.08
CA ASP F 25 12.34 44.64 4.70
C ASP F 25 12.88 43.52 5.57
N ALA F 26 11.99 42.70 6.13
CA ALA F 26 12.42 41.57 6.93
C ALA F 26 13.05 40.49 6.04
N LEU F 27 12.54 40.28 4.82
CA LEU F 27 13.12 39.29 3.93
C LEU F 27 14.45 39.85 3.40
N LEU F 28 14.55 41.14 3.07
CA LEU F 28 15.81 41.77 2.70
C LEU F 28 16.88 41.57 3.77
N ALA F 29 16.49 41.42 5.05
CA ALA F 29 17.42 41.24 6.15
C ALA F 29 18.01 39.85 6.13
N ILE F 30 17.20 38.85 5.78
CA ILE F 30 17.65 37.48 5.66
C ILE F 30 18.69 37.39 4.55
N VAL F 31 18.33 37.93 3.38
CA VAL F 31 19.20 37.94 2.21
C VAL F 31 20.53 38.61 2.58
N SER F 32 20.50 39.64 3.44
CA SER F 32 21.71 40.26 3.94
C SER F 32 22.62 39.29 4.70
N GLU F 33 22.14 38.41 5.57
CA GLU F 33 23.04 37.53 6.31
C GLU F 33 23.30 36.21 5.59
N GLY F 34 22.94 36.11 4.31
CA GLY F 34 23.03 34.89 3.52
C GLY F 34 24.40 34.24 3.47
N ASN F 35 25.48 35.01 3.30
CA ASN F 35 26.82 34.45 3.25
C ASN F 35 27.22 33.81 4.54
N LYS F 36 26.79 34.40 5.66
CA LYS F 36 27.03 33.82 6.96
C LYS F 36 26.25 32.53 7.10
N ARG F 37 25.02 32.49 6.58
CA ARG F 37 24.19 31.30 6.67
C ARG F 37 24.83 30.17 5.87
N LEU F 38 25.26 30.49 4.66
CA LEU F 38 26.01 29.57 3.83
C LEU F 38 27.25 29.08 4.56
N ASP F 39 28.03 29.94 5.23
CA ASP F 39 29.17 29.45 5.99
C ASP F 39 28.79 28.50 7.12
N VAL F 40 27.74 28.78 7.90
CA VAL F 40 27.21 27.90 8.94
C VAL F 40 26.89 26.51 8.41
N VAL F 41 26.11 26.44 7.33
CA VAL F 41 25.74 25.16 6.78
C VAL F 41 26.97 24.45 6.24
N ASN F 42 27.90 25.13 5.55
CA ASN F 42 29.09 24.45 5.05
C ASN F 42 29.96 23.90 6.17
N LYS F 43 30.01 24.47 7.38
CA LYS F 43 30.83 23.88 8.43
C LYS F 43 30.20 22.59 8.91
N ILE F 44 28.87 22.46 8.92
CA ILE F 44 28.23 21.19 9.27
C ILE F 44 28.45 20.20 8.12
N THR F 45 28.13 20.59 6.90
CA THR F 45 28.25 19.83 5.66
C THR F 45 29.72 19.36 5.57
N ASN F 46 30.74 20.10 6.08
CA ASN F 46 32.10 19.63 5.95
C ASN F 46 32.70 18.80 7.06
N ASN F 47 32.01 18.72 8.19
CA ASN F 47 32.45 17.99 9.38
C ASN F 47 31.44 16.94 9.81
N ALA F 48 30.51 16.54 8.95
CA ALA F 48 29.40 15.69 9.35
C ALA F 48 29.78 14.33 9.91
N SER F 49 30.80 13.68 9.34
CA SER F 49 31.22 12.40 9.88
C SER F 49 31.86 12.55 11.24
N ALA F 50 32.67 13.59 11.44
CA ALA F 50 33.26 13.82 12.75
C ALA F 50 32.17 14.12 13.76
N ILE F 51 31.19 14.98 13.43
CA ILE F 51 30.17 15.32 14.40
C ILE F 51 29.37 14.09 14.82
N VAL F 52 28.89 13.23 13.91
CA VAL F 52 28.14 12.03 14.27
C VAL F 52 29.00 11.03 15.04
N THR F 53 30.19 10.63 14.60
CA THR F 53 30.99 9.63 15.28
C THR F 53 31.45 10.07 16.66
N ASN F 54 31.92 11.31 16.80
CA ASN F 54 32.37 11.77 18.10
C ASN F 54 31.22 11.94 19.08
N ALA F 55 30.02 12.35 18.62
CA ALA F 55 28.88 12.49 19.50
C ALA F 55 28.36 11.08 19.85
N ALA F 56 28.51 10.09 18.96
CA ALA F 56 28.14 8.70 19.25
C ALA F 56 29.06 8.06 20.30
N ARG F 57 30.38 8.21 20.16
CA ARG F 57 31.31 7.67 21.14
C ARG F 57 31.02 8.24 22.54
N ALA F 58 30.73 9.53 22.70
CA ALA F 58 30.38 10.10 23.99
C ALA F 58 29.07 9.56 24.55
N LEU F 59 28.09 9.27 23.70
CA LEU F 59 26.83 8.70 24.14
C LEU F 59 27.13 7.31 24.68
N PHE F 60 27.86 6.44 23.98
CA PHE F 60 28.06 5.09 24.47
C PHE F 60 29.02 5.03 25.65
N ALA F 61 29.88 6.05 25.85
CA ALA F 61 30.72 6.11 27.02
C ALA F 61 29.87 6.48 28.23
N GLU F 62 28.85 7.30 28.00
CA GLU F 62 27.92 7.69 29.05
C GLU F 62 26.88 6.66 29.38
N GLN F 63 26.38 5.96 28.36
CA GLN F 63 25.33 4.99 28.54
C GLN F 63 25.74 3.64 27.99
N PRO F 64 26.67 2.93 28.64
CA PRO F 64 27.26 1.72 28.10
C PRO F 64 26.31 0.53 28.02
N GLN F 65 25.14 0.70 28.66
CA GLN F 65 24.09 -0.29 28.65
C GLN F 65 23.51 -0.48 27.26
N LEU F 66 23.72 0.55 26.44
CA LEU F 66 23.25 0.58 25.07
C LEU F 66 23.94 -0.41 24.16
N ILE F 67 25.23 -0.61 24.45
CA ILE F 67 26.06 -1.53 23.72
C ILE F 67 26.26 -2.87 24.43
N SER F 68 25.82 -3.11 25.69
CA SER F 68 25.92 -4.44 26.29
C SER F 68 25.04 -5.40 25.47
N PRO F 69 25.29 -6.71 25.41
CA PRO F 69 24.44 -7.69 24.75
C PRO F 69 22.97 -7.49 25.09
N GLY F 70 22.08 -7.45 24.11
CA GLY F 70 20.68 -7.17 24.40
C GLY F 70 20.37 -5.67 24.43
N GLY F 71 21.35 -4.76 24.51
CA GLY F 71 21.08 -3.33 24.48
C GLY F 71 20.56 -2.92 23.11
N ASN F 72 19.83 -1.80 23.00
CA ASN F 72 19.25 -1.42 21.72
C ASN F 72 20.27 -1.01 20.66
N ALA F 73 21.53 -0.72 20.98
CA ALA F 73 22.56 -0.48 19.96
C ALA F 73 23.53 -1.66 19.80
N TYR F 74 23.27 -2.81 20.44
CA TYR F 74 24.12 -3.99 20.27
C TYR F 74 23.76 -4.68 18.95
N THR F 75 24.74 -5.40 18.38
CA THR F 75 24.86 -6.04 17.06
C THR F 75 25.14 -4.97 16.00
N SER F 76 25.78 -5.32 14.88
CA SER F 76 26.15 -4.34 13.86
C SER F 76 24.94 -3.71 13.19
N ARG F 77 23.85 -4.43 12.96
CA ARG F 77 22.68 -3.88 12.30
C ARG F 77 22.12 -2.69 13.08
N ARG F 78 21.99 -2.86 14.40
CA ARG F 78 21.49 -1.78 15.23
C ARG F 78 22.48 -0.65 15.45
N MET F 79 23.78 -0.91 15.59
CA MET F 79 24.74 0.17 15.69
C MET F 79 24.72 0.99 14.40
N ALA F 80 24.63 0.33 13.26
CA ALA F 80 24.59 1.05 12.01
C ALA F 80 23.27 1.81 11.91
N ALA F 81 22.13 1.32 12.40
CA ALA F 81 20.86 2.05 12.32
C ALA F 81 20.88 3.29 13.18
N CYS F 82 21.52 3.16 14.33
CA CYS F 82 21.67 4.26 15.25
C CYS F 82 22.52 5.37 14.64
N LEU F 83 23.74 5.10 14.13
CA LEU F 83 24.59 6.11 13.49
C LEU F 83 23.86 6.74 12.30
N ARG F 84 23.12 5.94 11.52
CA ARG F 84 22.31 6.45 10.42
C ARG F 84 21.26 7.44 10.93
N ASP F 85 20.50 7.18 12.00
CA ASP F 85 19.52 8.14 12.51
C ASP F 85 20.08 9.47 12.96
N MET F 86 21.24 9.41 13.61
CA MET F 86 21.94 10.60 14.05
C MET F 86 22.31 11.43 12.84
N GLU F 87 22.66 10.78 11.75
CA GLU F 87 22.94 11.49 10.52
C GLU F 87 21.67 12.02 9.84
N ILE F 88 20.52 11.31 9.84
CA ILE F 88 19.27 11.81 9.26
C ILE F 88 18.92 13.10 10.00
N VAL F 89 19.08 13.12 11.33
CA VAL F 89 18.76 14.30 12.10
C VAL F 89 19.72 15.44 11.74
N LEU F 90 21.04 15.18 11.65
CA LEU F 90 21.97 16.25 11.35
C LEU F 90 21.73 16.82 9.96
N ARG F 91 21.32 16.00 8.98
CA ARG F 91 20.94 16.45 7.65
C ARG F 91 19.73 17.37 7.74
N TYR F 92 18.61 16.94 8.33
CA TYR F 92 17.44 17.78 8.41
C TYR F 92 17.65 19.06 9.20
N VAL F 93 18.57 19.10 10.18
CA VAL F 93 18.84 20.35 10.86
C VAL F 93 19.57 21.26 9.88
N SER F 94 20.49 20.76 9.02
CA SER F 94 21.17 21.61 8.06
C SER F 94 20.18 22.11 7.00
N TYR F 95 19.19 21.31 6.58
CA TYR F 95 18.19 21.78 5.63
C TYR F 95 17.34 22.92 6.17
N ALA F 96 16.88 22.80 7.42
CA ALA F 96 16.10 23.83 8.08
C ALA F 96 16.94 25.10 8.26
N MET F 97 18.25 24.96 8.41
CA MET F 97 19.13 26.11 8.54
C MET F 97 19.18 26.82 7.19
N ILE F 98 19.30 26.11 6.06
CA ILE F 98 19.29 26.73 4.73
C ILE F 98 17.93 27.38 4.42
N ALA F 99 16.86 26.70 4.84
CA ALA F 99 15.50 27.15 4.64
C ALA F 99 15.12 28.33 5.53
N GLY F 100 15.81 28.47 6.67
CA GLY F 100 15.49 29.48 7.66
C GLY F 100 14.11 29.20 8.23
N ASP F 101 13.71 27.93 8.30
CA ASP F 101 12.38 27.57 8.76
C ASP F 101 12.39 26.09 9.11
N ALA F 102 11.67 25.72 10.16
CA ALA F 102 11.63 24.33 10.64
C ALA F 102 10.67 23.38 9.92
N SER F 103 9.87 23.76 8.91
CA SER F 103 8.88 22.84 8.34
C SER F 103 9.46 21.56 7.75
N VAL F 104 10.65 21.60 7.14
CA VAL F 104 11.34 20.44 6.57
C VAL F 104 11.57 19.37 7.65
N LEU F 105 12.07 19.90 8.76
CA LEU F 105 12.41 19.16 9.97
C LEU F 105 11.15 18.50 10.51
N ASP F 106 10.09 19.26 10.80
CA ASP F 106 8.87 18.71 11.40
C ASP F 106 8.21 17.62 10.58
N ASP F 107 8.10 17.96 9.32
CA ASP F 107 7.34 17.15 8.40
C ASP F 107 7.98 15.86 7.97
N ARG F 108 9.26 15.91 7.65
CA ARG F 108 9.91 14.71 7.18
C ARG F 108 10.56 13.89 8.25
N CYS F 109 11.36 14.56 9.06
CA CYS F 109 12.12 13.84 10.03
C CYS F 109 11.30 13.54 11.28
N LEU F 110 10.80 14.61 11.88
CA LEU F 110 10.19 14.50 13.20
C LEU F 110 8.82 13.85 13.33
N ASN F 111 8.03 13.87 12.27
CA ASN F 111 6.67 13.34 12.25
C ASN F 111 6.57 11.87 12.67
N GLY F 112 6.16 11.66 13.92
CA GLY F 112 5.99 10.32 14.47
C GLY F 112 7.27 9.64 14.95
N LEU F 113 8.37 10.36 15.22
CA LEU F 113 9.57 9.68 15.66
C LEU F 113 9.39 9.06 17.02
N ARG F 114 8.64 9.70 17.92
CA ARG F 114 8.35 9.19 19.23
C ARG F 114 7.60 7.86 19.05
N GLU F 115 6.51 7.82 18.26
CA GLU F 115 5.73 6.61 17.93
C GLU F 115 6.61 5.47 17.40
N THR F 116 7.57 5.81 16.53
CA THR F 116 8.47 4.82 15.97
C THR F 116 9.45 4.31 17.03
N TYR F 117 10.21 5.15 17.74
CA TYR F 117 11.17 4.69 18.75
C TYR F 117 10.49 3.93 19.86
N GLN F 118 9.34 4.46 20.29
CA GLN F 118 8.46 3.86 21.30
C GLN F 118 8.09 2.47 20.84
N ALA F 119 7.61 2.34 19.60
CA ALA F 119 7.23 1.05 19.07
C ALA F 119 8.40 0.08 18.94
N LEU F 120 9.58 0.57 18.57
CA LEU F 120 10.76 -0.28 18.40
C LEU F 120 11.45 -0.61 19.71
N GLY F 121 11.14 0.14 20.76
CA GLY F 121 11.76 -0.03 22.05
C GLY F 121 13.01 0.84 22.23
N THR F 122 13.29 1.75 21.30
CA THR F 122 14.46 2.61 21.41
C THR F 122 14.25 3.68 22.49
N PRO F 123 15.20 3.92 23.40
CA PRO F 123 15.13 4.97 24.38
C PRO F 123 15.18 6.38 23.78
N GLY F 124 14.02 7.04 23.68
CA GLY F 124 13.87 8.40 23.18
C GLY F 124 14.77 9.38 23.94
N ALA F 125 14.92 9.07 25.23
CA ALA F 125 15.80 9.78 26.14
C ALA F 125 17.24 9.70 25.64
N SER F 126 17.73 8.49 25.32
CA SER F 126 19.08 8.32 24.81
C SER F 126 19.25 8.99 23.46
N VAL F 127 18.24 8.93 22.59
CA VAL F 127 18.30 9.67 21.33
C VAL F 127 18.43 11.15 21.62
N ALA F 128 17.72 11.71 22.61
CA ALA F 128 17.82 13.11 22.95
C ALA F 128 19.22 13.47 23.39
N VAL F 129 19.92 12.60 24.13
CA VAL F 129 21.28 12.87 24.53
C VAL F 129 22.15 12.93 23.27
N ALA F 130 21.93 12.03 22.31
CA ALA F 130 22.68 12.01 21.06
C ALA F 130 22.51 13.32 20.29
N ILE F 131 21.29 13.87 20.21
CA ILE F 131 21.04 15.15 19.53
C ILE F 131 21.74 16.27 20.29
N GLN F 132 21.60 16.34 21.62
CA GLN F 132 22.24 17.40 22.36
C GLN F 132 23.75 17.36 22.17
N LYS F 133 24.37 16.19 22.10
CA LYS F 133 25.80 16.09 21.82
C LYS F 133 26.15 16.66 20.45
N MET F 134 25.34 16.33 19.43
CA MET F 134 25.56 16.84 18.08
C MET F 134 25.39 18.35 18.02
N LYS F 135 24.47 18.90 18.83
CA LYS F 135 24.28 20.34 18.95
C LYS F 135 25.52 21.01 19.52
N ASP F 136 26.14 20.50 20.58
CA ASP F 136 27.32 21.17 21.10
C ASP F 136 28.48 21.09 20.12
N ALA F 137 28.68 19.94 19.51
CA ALA F 137 29.79 19.80 18.58
C ALA F 137 29.62 20.73 17.40
N ALA F 138 28.42 20.74 16.83
CA ALA F 138 28.13 21.55 15.67
C ALA F 138 28.22 23.04 16.05
N LEU F 139 27.69 23.55 17.18
CA LEU F 139 27.83 24.97 17.56
C LEU F 139 29.28 25.41 17.72
N ALA F 140 30.12 24.53 18.24
CA ALA F 140 31.53 24.86 18.34
C ALA F 140 32.15 24.98 16.95
N LEU F 141 31.86 24.09 16.00
CA LEU F 141 32.41 24.16 14.65
C LEU F 141 31.99 25.34 13.82
N VAL F 142 30.71 25.73 13.91
CA VAL F 142 30.18 26.90 13.23
C VAL F 142 30.91 28.18 13.62
N ASN F 143 31.50 28.23 14.82
CA ASN F 143 32.21 29.43 15.17
C ASN F 143 33.74 29.41 15.04
N ASP F 144 34.34 28.50 14.25
CA ASP F 144 35.79 28.44 14.08
C ASP F 144 36.28 29.35 12.95
N THR F 145 37.20 30.30 13.15
CA THR F 145 37.75 31.00 11.99
C THR F 145 38.90 30.16 11.42
N THR F 146 39.03 30.19 10.07
CA THR F 146 40.07 29.65 9.18
C THR F 146 39.30 29.35 7.89
N GLY F 147 39.70 29.97 6.77
CA GLY F 147 38.93 29.95 5.52
C GLY F 147 37.77 30.97 5.50
N THR F 148 37.43 31.57 6.63
CA THR F 148 36.27 32.45 6.73
C THR F 148 36.57 33.72 7.54
N PRO F 149 35.98 34.87 7.16
CA PRO F 149 36.22 36.18 7.73
C PRO F 149 35.60 36.34 9.11
N ALA F 150 36.37 36.88 10.04
CA ALA F 150 35.91 37.07 11.40
C ALA F 150 34.77 38.08 11.49
N GLY F 151 33.73 37.77 12.24
CA GLY F 151 32.56 38.63 12.40
C GLY F 151 31.57 38.03 13.40
N ASP F 152 30.32 38.46 13.46
CA ASP F 152 29.42 37.99 14.51
C ASP F 152 28.36 37.04 13.98
N CYS F 153 28.38 35.81 14.43
CA CYS F 153 27.39 34.85 14.00
C CYS F 153 26.41 34.46 15.10
N ALA F 154 26.39 35.24 16.18
CA ALA F 154 25.55 34.97 17.34
C ALA F 154 24.08 34.65 17.05
N SER F 155 23.50 35.32 16.06
CA SER F 155 22.11 35.11 15.69
C SER F 155 21.88 33.77 15.02
N LEU F 156 22.78 33.37 14.12
CA LEU F 156 22.69 32.09 13.46
C LEU F 156 22.88 30.96 14.45
N VAL F 157 23.86 30.98 15.38
CA VAL F 157 23.98 29.84 16.30
C VAL F 157 22.78 29.76 17.25
N ALA F 158 22.08 30.88 17.56
CA ALA F 158 20.89 30.80 18.39
C ALA F 158 19.81 30.09 17.55
N GLU F 159 19.78 30.35 16.23
CA GLU F 159 18.87 29.68 15.33
C GLU F 159 19.26 28.21 15.08
N ILE F 160 20.51 27.71 14.85
CA ILE F 160 20.67 26.26 14.70
C ILE F 160 20.34 25.64 16.05
N ALA F 161 20.73 26.23 17.20
CA ALA F 161 20.43 25.67 18.51
C ALA F 161 18.94 25.38 18.68
N THR F 162 18.07 26.26 18.19
CA THR F 162 16.63 26.02 18.23
C THR F 162 16.24 24.83 17.35
N TYR F 163 16.83 24.65 16.17
CA TYR F 163 16.46 23.50 15.34
C TYR F 163 16.91 22.21 16.01
N PHE F 164 18.11 22.21 16.55
CA PHE F 164 18.59 21.05 17.29
C PHE F 164 17.68 20.72 18.47
N ASP F 165 17.23 21.73 19.20
CA ASP F 165 16.33 21.50 20.31
C ASP F 165 14.98 20.98 19.84
N ARG F 166 14.51 21.40 18.67
CA ARG F 166 13.26 20.88 18.14
C ARG F 166 13.34 19.40 17.83
N ALA F 167 14.46 18.94 17.28
CA ALA F 167 14.65 17.53 17.01
C ALA F 167 14.74 16.73 18.31
N ALA F 168 15.50 17.21 19.29
CA ALA F 168 15.66 16.55 20.58
C ALA F 168 14.33 16.34 21.30
N ALA F 169 13.47 17.35 21.22
CA ALA F 169 12.17 17.28 21.86
C ALA F 169 11.13 16.44 21.13
N ALA F 170 11.20 16.18 19.82
CA ALA F 170 10.16 15.40 19.16
C ALA F 170 10.30 13.87 19.20
N VAL F 171 11.32 13.39 19.91
CA VAL F 171 11.58 11.95 20.05
C VAL F 171 11.17 11.35 21.39
N ALA F 172 10.94 12.29 22.33
CA ALA F 172 10.57 12.20 23.75
C ALA F 172 11.82 12.21 24.63
CHA CYC G . -20.60 -33.53 -4.34
NA CYC G . -21.17 -31.49 -5.68
C1A CYC G . -20.44 -32.18 -4.71
C2A CYC G . -19.69 -31.31 -3.99
C3A CYC G . -20.00 -29.93 -4.21
C4A CYC G . -20.89 -30.10 -5.45
CMA CYC G . -19.25 -28.73 -3.83
CAA CYC G . -18.80 -31.67 -2.72
CBA CYC G . -19.31 -31.19 -1.36
CGA CYC G . -20.68 -31.69 -0.92
O1A CYC G . -20.79 -32.64 -0.17
O2A CYC G . -21.90 -31.08 -1.30
CHB CYC G . -21.16 -29.21 -6.53
NB CYC G . -21.40 -27.06 -5.29
C1B CYC G . -21.33 -27.80 -6.48
C2B CYC G . -21.73 -26.96 -7.56
C3B CYC G . -22.05 -25.71 -6.93
C4B CYC G . -21.83 -25.86 -5.58
CMB CYC G . -21.74 -27.29 -9.05
CAB CYC G . -22.55 -24.44 -7.60
CBB CYC G . -23.73 -23.63 -7.00
OB CYC G . -21.98 -25.03 -4.64
NC CYC G . -22.37 -38.59 -8.28
C1C CYC G . -22.51 -39.45 -9.29
C2C CYC G . -23.13 -38.86 -10.39
C3C CYC G . -23.26 -37.39 -10.11
C4C CYC G . -22.81 -37.29 -8.66
CMC CYC G . -23.50 -39.56 -11.70
CAC CYC G . -24.54 -37.00 -10.81
CBC CYC G . -24.32 -35.61 -11.36
OC CYC G . -22.05 -40.60 -9.25
CHD CYC G . -22.76 -36.09 -7.89
ND CYC G . -21.95 -34.50 -6.24
C1D CYC G . -22.32 -35.83 -6.55
C2D CYC G . -22.07 -36.69 -5.44
C3D CYC G . -21.40 -35.89 -4.46
C4D CYC G . -21.34 -34.56 -4.98
CMD CYC G . -22.47 -38.15 -5.25
CAD CYC G . -20.82 -36.38 -3.13
CBD CYC G . -19.30 -36.41 -3.19
CGD CYC G . -18.61 -36.77 -1.90
O1D CYC G . -17.52 -37.28 -1.99
O2D CYC G . -19.17 -36.54 -0.61
CHA CYC H . -10.63 17.40 -2.99
NA CYC H . -12.27 15.76 -3.87
C1A CYC H . -11.11 16.10 -3.17
C2A CYC H . -10.42 15.00 -2.83
C3A CYC H . -10.86 13.79 -3.47
C4A CYC H . -12.22 14.34 -4.00
CMA CYC H . -10.50 12.41 -3.24
CAA CYC H . -9.12 14.87 -1.91
CBA CYC H . -7.85 14.43 -2.63
CGA CYC H . -6.84 13.65 -1.81
O1A CYC H . -7.10 13.27 -0.66
O2A CYC H . -5.55 13.30 -2.32
CHB CYC H . -13.47 13.65 -4.10
NB CYC H . -12.52 11.77 -5.27
C1B CYC H . -13.63 12.36 -4.64
C2B CYC H . -14.81 11.68 -5.08
C3B CYC H . -14.29 10.59 -5.86
C4B CYC H . -12.93 10.76 -5.97
CMB CYC H . -16.27 12.09 -4.96
CAB CYC H . -15.10 9.44 -6.46
CBB CYC H . -14.47 8.08 -6.79
OB CYC H . -12.08 10.15 -6.66
NC CYC H . -14.65 22.56 -2.59
C1C CYC H . -15.59 23.41 -2.19
C2C CYC H . -16.86 22.96 -2.58
C3C CYC H . -16.67 21.83 -3.56
C4C CYC H . -15.19 21.53 -3.40
CMC CYC H . -18.03 23.01 -1.62
CAC CYC H . -17.37 22.40 -4.81
CBC CYC H . -18.42 21.37 -5.24
OC CYC H . -15.29 24.40 -1.53
CHD CYC H . -14.47 20.34 -3.73
ND CYC H . -12.74 18.63 -3.61
C1D CYC H . -13.11 19.98 -3.46
C2D CYC H . -11.96 20.77 -3.11
C3D CYC H . -10.88 19.87 -2.88
C4D CYC H . -11.39 18.57 -3.21
CMD CYC H . -11.77 22.27 -3.22
CAD CYC H . -9.47 20.21 -2.39
CBD CYC H . -8.38 20.08 -3.46
CGD CYC H . -7.06 20.77 -3.16
O1D CYC H . -6.24 20.82 -4.09
O2D CYC H . -6.69 21.32 -1.90
CHC PEB I . -34.51 6.01 -27.62
NC PEB I . -36.85 6.41 -27.18
C1C PEB I . -38.04 6.04 -27.83
C2C PEB I . -37.78 5.04 -28.86
C3C PEB I . -36.38 4.80 -28.80
C4C PEB I . -35.86 5.60 -27.79
CMC PEB I . -35.63 3.96 -29.88
CAC PEB I . -38.80 4.36 -29.62
CBC PEB I . -38.99 4.97 -30.96
CGC PEB I . -40.38 4.71 -31.46
O1C PEB I . -40.52 4.23 -32.58
O2C PEB I . -41.54 5.02 -30.68
ND PEB I . -33.33 3.90 -27.63
C1D PEB I . -33.41 5.19 -26.99
C2D PEB I . -32.05 5.84 -27.13
C3D PEB I . -31.26 4.87 -27.76
C4D PEB I . -32.08 3.73 -28.04
CMD PEB I . -31.61 7.21 -26.66
CAD PEB I . -29.76 4.97 -27.97
CBD PEB I . -28.94 3.88 -28.69
OD PEB I . -31.77 2.70 -28.59
NA PEB I . -41.08 11.25 -23.73
C1A PEB I . -41.23 12.44 -23.15
C2A PEB I . -40.14 12.73 -22.32
C3A PEB I . -39.17 11.56 -22.33
C4A PEB I . -39.86 10.65 -23.32
CMA PEB I . -40.07 13.93 -21.40
CBA PEB I . -37.77 10.26 -20.77
OA PEB I . -42.24 13.12 -23.34
CHA PEB I . -39.30 9.45 -23.82
CAA PEB I . -39.02 11.14 -20.89
NB PEB I . -38.96 7.82 -25.58
C1B PEB I . -39.84 8.51 -24.72
C2B PEB I . -41.19 8.05 -24.87
C3B PEB I . -41.15 7.08 -25.92
C4B PEB I . -39.80 6.98 -26.33
CHB PEB I . -39.37 6.23 -27.42
CMB PEB I . -42.40 8.37 -24.02
CAB PEB I . -42.33 6.27 -26.45
CBB PEB I . -42.70 4.98 -25.68
CGB PEB I . -41.63 3.89 -25.58
O1B PEB I . -41.16 3.67 -24.46
O2B PEB I . -41.13 3.12 -26.67
CHA CYC J . 34.85 -0.36 18.91
NA CYC J . 33.81 -2.49 18.08
C1A CYC J . 33.88 -1.13 18.25
C2A CYC J . 32.67 -0.57 17.87
C3A CYC J . 31.55 -1.50 17.87
C4A CYC J . 32.42 -2.75 17.74
CMA CYC J . 30.26 -1.34 17.12
CAA CYC J . 32.24 0.91 18.18
CBA CYC J . 31.21 1.16 19.32
CGA CYC J . 31.70 0.68 20.68
O1A CYC J . 32.34 1.43 21.40
O2A CYC J . 31.44 -0.63 21.19
CHB CYC J . 32.21 -3.99 17.01
NB CYC J . 29.83 -4.35 17.57
C1B CYC J . 30.99 -4.70 16.88
C2B CYC J . 30.85 -6.05 16.43
C3B CYC J . 29.56 -6.45 16.88
C4B CYC J . 29.00 -5.39 17.57
CMB CYC J . 31.83 -6.86 15.60
CAB CYC J . 28.89 -7.80 16.67
CBB CYC J . 27.86 -8.36 17.68
OB CYC J . 27.94 -5.30 18.20
NC CYC J . 41.29 -1.71 18.63
C1C CYC J . 42.53 -1.99 18.23
C2C CYC J . 42.64 -3.31 17.79
C3C CYC J . 41.27 -3.93 17.85
C4C CYC J . 40.43 -2.83 18.45
CMC CYC J . 43.90 -4.00 17.30
CAC CYC J . 41.54 -5.37 18.28
CBC CYC J . 40.59 -6.21 17.47
OC CYC J . 43.43 -1.15 18.26
CHD CYC J . 39.02 -2.84 18.67
ND CYC J . 36.75 -1.99 18.87
C1D CYC J . 38.13 -1.84 19.15
C2D CYC J . 38.36 -0.61 19.84
C3D CYC J . 37.13 0.10 19.81
C4D CYC J . 36.17 -0.77 19.23
CMD CYC J . 39.59 -0.16 20.64
CAD CYC J . 36.96 1.56 20.22
CBD CYC J . 36.69 2.46 19.02
CGD CYC J . 36.39 3.90 19.39
O1D CYC J . 36.92 4.75 18.70
O2D CYC J . 35.57 4.29 20.48
CHA CYC K . -11.88 -16.83 2.75
NA CYC K . -9.81 -17.61 3.87
C1A CYC K . -10.60 -16.63 3.27
C2A CYC K . -9.89 -15.49 3.07
C3A CYC K . -8.51 -15.64 3.41
C4A CYC K . -8.53 -17.04 4.01
CMA CYC K . -7.52 -14.57 3.63
CAA CYC K . -10.33 -14.23 2.25
CBA CYC K . -9.79 -14.26 0.83
CGA CYC K . -10.58 -15.12 -0.13
O1A CYC K . -11.39 -14.59 -0.87
O2A CYC K . -10.43 -16.54 -0.24
CHB CYC K . -7.70 -17.62 5.02
NB CYC K . -5.56 -16.77 4.23
C1B CYC K . -6.30 -17.50 5.18
C2B CYC K . -5.41 -18.36 5.88
C3B CYC K . -4.11 -17.95 5.44
C4B CYC K . -4.30 -17.06 4.39
CMB CYC K . -5.72 -19.61 6.69
CAB CYC K . -2.78 -18.25 6.13
CBB CYC K . -1.43 -17.99 5.43
OB CYC K . -3.51 -16.64 3.52
NC CYC K . -15.82 -21.72 4.95
C1C CYC K . -16.55 -22.49 5.75
C2C CYC K . -15.74 -23.18 6.66
C3C CYC K . -14.31 -22.99 6.22
C4C CYC K . -14.43 -21.90 5.16
CMC CYC K . -16.13 -23.41 8.11
CAC CYC K . -14.00 -24.43 5.84
CBC CYC K . -12.65 -24.74 6.46
OC CYC K . -17.78 -22.51 5.66
CHD CYC K . -13.39 -21.07 4.67
ND CYC K . -12.29 -19.09 3.75
C1D CYC K . -13.41 -19.93 3.79
C2D CYC K . -14.41 -19.41 2.88
C3D CYC K . -13.93 -18.16 2.37
C4D CYC K . -12.63 -18.00 2.92
CMD CYC K . -15.74 -20.00 2.45
CAD CYC K . -14.72 -17.18 1.50
CBD CYC K . -14.14 -16.71 0.17
CGD CYC K . -15.12 -15.88 -0.67
O1D CYC K . -15.90 -15.14 -0.08
O2D CYC K . -15.22 -15.94 -2.09
CHC PEB L . 13.73 -42.05 6.82
NC PEB L . 13.57 -43.40 8.86
C1C PEB L . 14.38 -44.40 9.43
C2C PEB L . 15.61 -44.47 8.75
C3C PEB L . 15.69 -43.36 7.87
C4C PEB L . 14.37 -42.79 7.86
CMC PEB L . 16.81 -43.20 6.84
CAC PEB L . 16.80 -45.31 9.16
CBC PEB L . 16.62 -46.76 8.82
CGC PEB L . 17.89 -47.53 9.05
O1C PEB L . 17.92 -48.71 8.74
O2C PEB L . 19.08 -46.93 9.58
ND PEB L . 15.23 -40.23 6.45
C1D PEB L . 13.82 -40.57 6.62
C2D PEB L . 13.13 -40.07 5.38
C3D PEB L . 14.13 -39.46 4.60
C4D PEB L . 15.35 -39.62 5.28
CMD PEB L . 11.63 -40.09 5.07
CAD PEB L . 13.89 -38.67 3.32
CBD PEB L . 15.04 -37.98 2.59
OD PEB L . 16.49 -39.25 4.96
NA PEB L . 8.46 -46.14 13.26
C1A PEB L . 7.20 -46.49 13.49
C2A PEB L . 6.31 -45.49 13.05
C3A PEB L . 7.13 -44.31 12.60
C4A PEB L . 8.53 -44.84 12.69
CMA PEB L . 5.01 -45.83 12.36
CBA PEB L . 7.06 -41.89 12.78
OA PEB L . 6.94 -47.56 14.04
CHA PEB L . 9.67 -44.18 12.18
CAA PEB L . 6.81 -43.19 13.51
NB PEB L . 11.85 -44.27 11.17
C1B PEB L . 10.99 -44.63 12.21
C2B PEB L . 11.66 -45.39 13.22
C3B PEB L . 12.97 -45.59 12.74
C4B PEB L . 13.06 -44.91 11.50
CHB PEB L . 14.19 -45.01 10.67
CMB PEB L . 11.14 -45.86 14.57
CAB PEB L . 14.09 -46.39 13.41
CBB PEB L . 14.94 -45.62 14.44
CGB PEB L . 15.62 -44.33 13.97
O1B PEB L . 16.35 -44.40 12.98
O2B PEB L . 15.45 -43.07 14.61
CHA CYC M . -14.67 34.03 -13.78
NA CYC M . -12.29 33.80 -13.09
C1A CYC M . -13.59 33.31 -13.28
C2A CYC M . -13.71 32.08 -12.68
C3A CYC M . -12.65 31.79 -11.73
C4A CYC M . -11.68 32.87 -12.20
CMA CYC M . -12.23 30.50 -11.12
CAA CYC M . -15.06 31.29 -12.46
CBA CYC M . -15.67 31.29 -11.04
CGA CYC M . -16.02 32.66 -10.51
O1A CYC M . -15.21 33.32 -9.88
O2A CYC M . -17.31 33.23 -10.72
CHB CYC M . -10.24 32.88 -12.17
NB CYC M . -9.72 32.04 -9.86
C1B CYC M . -9.36 32.47 -11.16
C2B CYC M . -7.93 32.51 -11.27
C3B CYC M . -7.48 32.11 -9.98
C4B CYC M . -8.58 31.84 -9.21
CMB CYC M . -7.10 32.89 -12.48
CAB CYC M . -6.03 32.06 -9.47
CBB CYC M . -5.66 32.70 -8.11
OB CYC M . -8.64 31.50 -8.01
NC CYC M . -14.60 38.68 -18.49
C1C CYC M . -14.45 39.44 -19.58
C2C CYC M . -13.15 39.95 -19.68
C3C CYC M . -12.34 39.30 -18.58
C4C CYC M . -13.39 38.53 -17.76
CMC CYC M . -12.55 40.66 -20.88
CAC CYC M . -11.27 40.32 -18.20
CBC CYC M . -10.04 39.54 -17.79
OC CYC M . -15.35 39.53 -20.42
CHD CYC M . -13.17 37.77 -16.56
ND CYC M . -13.56 36.09 -14.79
C1D CYC M . -14.08 37.05 -15.70
C2D CYC M . -15.50 36.98 -15.72
C3D CYC M . -15.87 35.83 -14.95
C4D CYC M . -14.67 35.30 -14.40
CMD CYC M . -16.50 38.03 -16.18
CAD CYC M . -17.29 35.32 -14.74
CBD CYC M . -17.57 34.09 -15.59
CGD CYC M . -18.97 33.53 -15.49
O1D CYC M . -19.56 33.56 -14.40
O2D CYC M . -19.62 32.97 -16.63
CHA CYC N . 15.38 2.04 13.79
NA CYC N . 15.22 4.42 13.07
C1A CYC N . 14.75 3.10 13.12
C2A CYC N . 13.69 2.91 12.15
C3A CYC N . 13.66 4.09 11.36
C4A CYC N . 14.52 5.02 12.00
CMA CYC N . 12.51 4.35 10.31
CAA CYC N . 12.97 1.64 11.85
CBA CYC N . 13.79 0.49 11.28
CGA CYC N . 14.94 0.90 10.35
O1A CYC N . 14.71 1.49 9.29
O2A CYC N . 16.29 0.66 10.70
CHB CYC N . 14.50 6.42 12.03
NB CYC N . 14.23 6.82 9.64
C1B CYC N . 14.37 7.31 10.95
C2B CYC N . 14.15 8.71 10.98
C3B CYC N . 13.71 9.00 9.65
C4B CYC N . 13.82 7.83 8.89
CMB CYC N . 14.66 9.70 12.02
CAB CYC N . 13.07 10.29 9.13
CBB CYC N . 12.68 10.46 7.64
OB CYC N . 13.64 7.62 7.70
NC CYC N . 19.22 2.90 19.15
C1C CYC N . 19.67 3.30 20.34
C2C CYC N . 19.97 4.67 20.34
C3C CYC N . 19.80 5.15 18.93
C4C CYC N . 19.20 3.96 18.22
CMC CYC N . 19.74 5.57 21.53
CAC CYC N . 21.19 5.71 18.69
CBC CYC N . 20.91 7.12 18.18
OC CYC N . 19.71 2.53 21.30
CHD CYC N . 18.53 3.98 16.96
ND CYC N . 16.97 3.33 15.20
C1D CYC N . 17.84 2.95 16.24
C2D CYC N . 17.93 1.51 16.27
C3D CYC N . 16.98 1.00 15.33
C4D CYC N . 16.43 2.13 14.69
CMD CYC N . 18.94 0.64 17.01
CAD CYC N . 16.57 -0.46 15.14
CBD CYC N . 16.96 -1.12 13.80
CGD CYC N . 16.76 -2.63 13.70
O1D CYC N . 16.02 -3.18 14.51
O2D CYC N . 17.40 -3.45 12.70
CHC PEB O . 31.02 32.42 1.98
NC PEB O . 31.10 34.23 3.67
C1C PEB O . 31.57 35.55 3.60
C2C PEB O . 31.84 35.88 2.27
C3C PEB O . 31.23 34.92 1.42
C4C PEB O . 30.96 33.80 2.33
CMC PEB O . 31.41 34.85 -0.08
CAC PEB O . 32.83 36.89 1.74
CBC PEB O . 32.53 38.35 1.86
CGC PEB O . 33.72 39.05 1.24
O1C PEB O . 34.63 39.47 1.96
O2C PEB O . 33.88 39.18 -0.18
ND PEB O . 29.30 32.39 0.33
C1D PEB O . 29.82 31.69 1.48
C2D PEB O . 30.01 30.24 1.07
C3D PEB O . 29.52 30.18 -0.25
C4D PEB O . 29.15 31.49 -0.62
CMD PEB O . 30.41 29.07 1.96
CAD PEB O . 29.16 28.91 -0.99
CBD PEB O . 29.02 28.88 -2.51
OD PEB O . 28.59 31.88 -1.65
NA PEB O . 32.42 34.66 10.74
C1A PEB O . 32.93 34.03 11.79
C2A PEB O . 32.38 32.73 11.93
C3A PEB O . 31.30 32.58 10.87
C4A PEB O . 31.46 33.84 10.09
CMA PEB O . 33.23 31.53 12.29
CBA PEB O . 29.09 31.61 10.55
OA PEB O . 33.79 34.59 12.47
CHA PEB O . 30.92 34.03 8.80
CAA PEB O . 29.95 32.40 11.53
NB PEB O . 31.15 34.92 6.56
C1B PEB O . 31.16 35.12 7.95
C2B PEB O . 31.30 36.50 8.28
C3B PEB O . 31.37 37.19 7.04
C4B PEB O . 31.33 36.20 6.02
CHB PEB O . 31.59 36.47 4.67
CMB PEB O . 31.17 37.19 9.63
CAB PEB O . 31.31 38.69 6.87
CBB PEB O . 29.87 39.24 6.89
CGB PEB O . 29.06 38.96 5.61
O1B PEB O . 29.55 39.36 4.56
O2B PEB O . 27.79 38.27 5.60
#